data_7X2Y
#
_entry.id   7X2Y
#
_cell.length_a   53.579
_cell.length_b   88.315
_cell.length_c   162.970
_cell.angle_alpha   90.000
_cell.angle_beta   90.000
_cell.angle_gamma   90.000
#
_symmetry.space_group_name_H-M   'P 21 21 21'
#
loop_
_entity.id
_entity.type
_entity.pdbx_description
1 polymer '4,5-dihydroxyphthalate dehydrogenase'
2 non-polymer DI(HYDROXYETHYL)ETHER
3 non-polymer GLYCEROL
4 non-polymer 'PHOSPHATE ION'
5 non-polymer '3-HYDROXYBENZOIC ACID'
6 non-polymer NICOTINAMIDE-ADENINE-DINUCLEOTIDE
7 water water
#
_entity_poly.entity_id   1
_entity_poly.type   'polypeptide(L)'
_entity_poly.pdbx_seq_one_letter_code
;MNAGHQLRLGVAGLGRAFTLMLPTLQQDPRIKLVAACDPRGSARAQFASDFRAPVYPDIEGLASNPDVEAIYIASPHQFH
AQQARIAARHGKHVLVEKPMALSLGDCDEMIQHCRDAGVHLIVGHCHSFDTPYLSAREIVQSGELGPVRMVHALNYTDFL
YRPRRPEELRTEEGGGVVFSQAAHQVDIVRLLVGTRVRRVRAITGDWDPMRPTQGAYSALLWFEGGAFASISYNGYGHFD
SDEWCDWIGEMGGDKSPEAYGAARRKLATVGSAQEEANLKAAATYGGPGYVAAATDAQPIWHQHFGPIVVSCERGDIRPL
PDSVCVYADLAKERRSLQRPVVPRFEVIDELYHAVVNEIKPLHDGVWARATLEVCLALLDSAGSGKDVELPR
;
_entity_poly.pdbx_strand_id   A,B
#
# COMPACT_ATOMS: atom_id res chain seq x y z
N GLY A 4 14.07 -3.39 -42.29
CA GLY A 4 15.47 -2.95 -42.58
C GLY A 4 15.95 -2.02 -41.48
N HIS A 5 16.49 -0.87 -41.88
CA HIS A 5 16.76 0.24 -40.98
C HIS A 5 15.43 0.83 -40.47
N GLN A 6 14.47 1.03 -41.38
CA GLN A 6 13.13 1.41 -40.98
C GLN A 6 12.23 0.17 -41.01
N LEU A 7 11.84 -0.25 -39.80
CA LEU A 7 10.96 -1.39 -39.66
C LEU A 7 9.62 -1.06 -40.34
N ARG A 8 9.15 -1.92 -41.24
CA ARG A 8 7.94 -1.60 -42.00
C ARG A 8 6.74 -2.27 -41.33
N LEU A 9 5.92 -1.45 -40.66
CA LEU A 9 4.90 -1.91 -39.72
C LEU A 9 3.51 -1.81 -40.31
N GLY A 10 2.78 -2.91 -40.24
CA GLY A 10 1.36 -2.94 -40.54
C GLY A 10 0.56 -2.91 -39.23
N VAL A 11 -0.57 -2.19 -39.23
CA VAL A 11 -1.41 -2.13 -38.03
C VAL A 11 -2.75 -2.81 -38.29
N ALA A 12 -3.10 -3.73 -37.41
CA ALA A 12 -4.39 -4.44 -37.44
C ALA A 12 -5.21 -3.92 -36.28
N GLY A 13 -6.22 -3.09 -36.57
CA GLY A 13 -7.03 -2.55 -35.50
C GLY A 13 -6.61 -1.14 -35.16
N LEU A 14 -7.30 -0.16 -35.74
CA LEU A 14 -6.97 1.22 -35.55
C LEU A 14 -7.83 1.80 -34.42
N GLY A 15 -7.80 1.11 -33.26
CA GLY A 15 -8.60 1.54 -32.12
C GLY A 15 -7.90 2.55 -31.22
N ARG A 16 -8.23 2.46 -29.91
CA ARG A 16 -7.80 3.39 -28.89
C ARG A 16 -6.34 3.10 -28.57
N ALA A 17 -6.00 1.83 -28.41
CA ALA A 17 -4.62 1.42 -28.23
C ALA A 17 -3.77 1.97 -29.37
N PHE A 18 -4.19 1.78 -30.64
CA PHE A 18 -3.45 2.32 -31.76
C PHE A 18 -3.20 3.81 -31.56
N THR A 19 -4.27 4.54 -31.20
CA THR A 19 -4.17 5.99 -31.22
C THR A 19 -3.28 6.47 -30.09
N LEU A 20 -3.26 5.71 -28.98
CA LEU A 20 -2.37 5.97 -27.88
C LEU A 20 -0.91 5.75 -28.29
N MET A 21 -0.69 4.76 -29.17
CA MET A 21 0.63 4.35 -29.60
C MET A 21 1.17 5.25 -30.72
N LEU A 22 0.28 6.04 -31.33
CA LEU A 22 0.57 6.73 -32.58
C LEU A 22 1.73 7.73 -32.46
N PRO A 23 1.81 8.60 -31.42
CA PRO A 23 2.90 9.57 -31.36
C PRO A 23 4.23 8.82 -31.39
N THR A 24 4.22 7.61 -30.77
CA THR A 24 5.40 6.75 -30.71
C THR A 24 5.77 6.31 -32.11
N LEU A 25 4.80 5.74 -32.84
CA LEU A 25 5.02 5.21 -34.17
C LEU A 25 5.35 6.33 -35.16
N GLN A 26 4.79 7.54 -34.91
CA GLN A 26 5.11 8.70 -35.74
C GLN A 26 6.54 9.14 -35.50
N GLN A 27 6.91 9.30 -34.23
CA GLN A 27 8.14 10.00 -33.90
C GLN A 27 9.37 9.10 -33.89
N ASP A 28 9.21 7.80 -33.66
CA ASP A 28 10.36 6.91 -33.65
C ASP A 28 10.85 6.70 -35.08
N PRO A 29 12.12 7.02 -35.40
CA PRO A 29 12.58 6.96 -36.79
C PRO A 29 12.82 5.54 -37.30
N ARG A 30 12.78 4.56 -36.40
CA ARG A 30 12.94 3.15 -36.79
C ARG A 30 11.65 2.55 -37.34
N ILE A 31 10.54 3.28 -37.24
CA ILE A 31 9.24 2.77 -37.61
C ILE A 31 8.78 3.50 -38.87
N LYS A 32 8.27 2.75 -39.85
CA LYS A 32 7.44 3.31 -40.90
C LYS A 32 6.16 2.51 -40.95
N LEU A 33 5.02 3.22 -40.79
CA LEU A 33 3.67 2.68 -40.98
C LEU A 33 3.38 2.53 -42.47
N VAL A 34 3.08 1.29 -42.90
CA VAL A 34 3.07 1.01 -44.32
C VAL A 34 1.70 0.49 -44.74
N ALA A 35 0.87 0.09 -43.77
CA ALA A 35 -0.39 -0.58 -44.08
C ALA A 35 -1.22 -0.74 -42.82
N ALA A 36 -2.55 -0.86 -42.98
CA ALA A 36 -3.44 -1.11 -41.86
C ALA A 36 -4.59 -1.99 -42.32
N CYS A 37 -5.18 -2.74 -41.37
CA CYS A 37 -6.51 -3.25 -41.60
C CYS A 37 -7.40 -2.79 -40.46
N ASP A 38 -8.71 -2.65 -40.76
CA ASP A 38 -9.77 -2.27 -39.84
C ASP A 38 -11.10 -2.55 -40.51
N PRO A 39 -12.07 -3.22 -39.83
CA PRO A 39 -13.38 -3.47 -40.42
C PRO A 39 -14.17 -2.18 -40.62
N ARG A 40 -13.70 -1.07 -40.05
CA ARG A 40 -14.39 0.20 -40.20
C ARG A 40 -13.81 0.97 -41.38
N GLY A 41 -14.66 1.25 -42.39
CA GLY A 41 -14.30 2.04 -43.55
C GLY A 41 -13.79 3.44 -43.17
N SER A 42 -14.30 4.03 -42.07
CA SER A 42 -13.88 5.39 -41.74
C SER A 42 -12.48 5.42 -41.11
N ALA A 43 -12.09 4.32 -40.44
CA ALA A 43 -10.74 4.19 -39.91
C ALA A 43 -9.78 3.90 -41.05
N ARG A 44 -10.13 2.94 -41.93
CA ARG A 44 -9.32 2.64 -43.10
C ARG A 44 -9.04 3.92 -43.90
N ALA A 45 -10.08 4.71 -44.15
CA ALA A 45 -10.02 5.93 -44.93
C ALA A 45 -9.10 6.96 -44.25
N GLN A 46 -9.22 7.07 -42.93
CA GLN A 46 -8.37 7.97 -42.17
C GLN A 46 -6.89 7.61 -42.37
N PHE A 47 -6.58 6.30 -42.33
CA PHE A 47 -5.24 5.76 -42.37
C PHE A 47 -4.64 5.92 -43.77
N ALA A 48 -5.40 5.55 -44.81
CA ALA A 48 -4.95 5.74 -46.18
C ALA A 48 -4.60 7.21 -46.42
N SER A 49 -5.42 8.11 -45.90
CA SER A 49 -5.18 9.53 -46.06
C SER A 49 -3.92 9.96 -45.31
N ASP A 50 -3.84 9.58 -44.03
CA ASP A 50 -2.79 10.03 -43.13
C ASP A 50 -1.41 9.55 -43.58
N PHE A 51 -1.31 8.31 -44.06
CA PHE A 51 -0.01 7.68 -44.30
C PHE A 51 0.15 7.27 -45.75
N ARG A 52 -0.76 7.69 -46.63
CA ARG A 52 -0.68 7.38 -48.06
C ARG A 52 -0.38 5.89 -48.18
N ALA A 53 -1.31 5.06 -47.68
CA ALA A 53 -0.93 3.67 -47.45
C ALA A 53 -2.09 2.76 -47.78
N PRO A 54 -1.82 1.52 -48.25
CA PRO A 54 -2.90 0.61 -48.64
C PRO A 54 -3.62 0.15 -47.38
N VAL A 55 -4.92 -0.06 -47.44
CA VAL A 55 -5.64 -0.56 -46.28
C VAL A 55 -6.56 -1.70 -46.71
N TYR A 56 -7.04 -2.46 -45.74
CA TYR A 56 -7.75 -3.71 -45.97
C TYR A 56 -8.87 -3.83 -44.95
N PRO A 57 -9.98 -4.53 -45.27
CA PRO A 57 -11.01 -4.84 -44.27
C PRO A 57 -10.56 -5.85 -43.22
N ASP A 58 -9.55 -6.67 -43.51
CA ASP A 58 -9.17 -7.69 -42.53
C ASP A 58 -7.69 -8.05 -42.58
N ILE A 59 -7.32 -8.97 -41.66
CA ILE A 59 -5.93 -9.34 -41.40
C ILE A 59 -5.34 -10.12 -42.58
N GLU A 60 -6.18 -10.89 -43.29
CA GLU A 60 -5.75 -11.62 -44.47
C GLU A 60 -5.13 -10.66 -45.49
N GLY A 61 -5.73 -9.48 -45.65
CA GLY A 61 -5.22 -8.49 -46.58
C GLY A 61 -3.91 -7.87 -46.09
N LEU A 62 -3.88 -7.47 -44.81
CA LEU A 62 -2.69 -6.88 -44.22
C LEU A 62 -1.53 -7.89 -44.27
N ALA A 63 -1.77 -9.14 -43.84
CA ALA A 63 -0.77 -10.19 -43.82
C ALA A 63 -0.26 -10.58 -45.23
N SER A 64 -1.05 -10.30 -46.27
CA SER A 64 -0.68 -10.70 -47.63
C SER A 64 0.13 -9.61 -48.31
N ASN A 65 0.26 -8.42 -47.71
CA ASN A 65 1.08 -7.35 -48.24
C ASN A 65 2.54 -7.67 -47.94
N PRO A 66 3.37 -7.97 -48.96
CA PRO A 66 4.73 -8.45 -48.69
C PRO A 66 5.72 -7.40 -48.24
N ASP A 67 5.35 -6.11 -48.35
CA ASP A 67 6.13 -5.03 -47.79
C ASP A 67 6.00 -4.98 -46.26
N VAL A 68 4.97 -5.61 -45.70
CA VAL A 68 4.83 -5.58 -44.26
C VAL A 68 5.87 -6.49 -43.59
N GLU A 69 6.65 -5.96 -42.63
CA GLU A 69 7.62 -6.80 -41.93
C GLU A 69 7.06 -7.26 -40.58
N ALA A 70 6.30 -6.40 -39.93
CA ALA A 70 5.76 -6.73 -38.61
C ALA A 70 4.35 -6.18 -38.53
N ILE A 71 3.50 -6.87 -37.78
CA ILE A 71 2.13 -6.39 -37.59
C ILE A 71 1.88 -6.07 -36.11
N TYR A 72 1.41 -4.84 -35.88
CA TYR A 72 0.98 -4.39 -34.58
C TYR A 72 -0.52 -4.66 -34.46
N ILE A 73 -0.89 -5.56 -33.53
CA ILE A 73 -2.27 -5.96 -33.32
C ILE A 73 -2.89 -5.08 -32.22
N ALA A 74 -3.79 -4.16 -32.60
CA ALA A 74 -4.51 -3.30 -31.66
C ALA A 74 -6.02 -3.55 -31.74
N SER A 75 -6.38 -4.74 -32.18
CA SER A 75 -7.77 -5.13 -32.28
C SER A 75 -8.28 -5.50 -30.88
N PRO A 76 -9.61 -5.62 -30.67
CA PRO A 76 -10.14 -6.06 -29.37
C PRO A 76 -9.61 -7.47 -29.12
N HIS A 77 -9.55 -7.87 -27.84
CA HIS A 77 -8.75 -9.00 -27.40
C HIS A 77 -9.18 -10.30 -28.08
N GLN A 78 -10.45 -10.41 -28.48
CA GLN A 78 -10.96 -11.71 -28.88
C GLN A 78 -10.50 -12.10 -30.29
N PHE A 79 -9.86 -11.15 -30.99
CA PHE A 79 -9.33 -11.39 -32.32
C PHE A 79 -7.82 -11.62 -32.33
N HIS A 80 -7.18 -11.40 -31.18
CA HIS A 80 -5.73 -11.47 -31.08
C HIS A 80 -5.24 -12.84 -31.56
N ALA A 81 -5.82 -13.93 -31.04
CA ALA A 81 -5.21 -15.23 -31.27
C ALA A 81 -5.29 -15.56 -32.76
N GLN A 82 -6.41 -15.21 -33.39
CA GLN A 82 -6.64 -15.50 -34.81
C GLN A 82 -5.71 -14.61 -35.66
N GLN A 83 -5.61 -13.33 -35.27
CA GLN A 83 -4.85 -12.37 -36.06
C GLN A 83 -3.36 -12.65 -35.93
N ALA A 84 -2.92 -13.09 -34.77
CA ALA A 84 -1.54 -13.49 -34.62
C ALA A 84 -1.23 -14.74 -35.45
N ARG A 85 -2.13 -15.72 -35.43
CA ARG A 85 -2.00 -16.95 -36.22
C ARG A 85 -1.83 -16.60 -37.70
N ILE A 86 -2.64 -15.68 -38.20
CA ILE A 86 -2.60 -15.35 -39.60
C ILE A 86 -1.32 -14.60 -39.95
N ALA A 87 -0.90 -13.64 -39.10
CA ALA A 87 0.32 -12.88 -39.32
C ALA A 87 1.50 -13.83 -39.42
N ALA A 88 1.58 -14.72 -38.43
CA ALA A 88 2.63 -15.72 -38.32
C ALA A 88 2.64 -16.63 -39.55
N ARG A 89 1.46 -17.06 -40.00
CA ARG A 89 1.38 -17.91 -41.19
C ARG A 89 2.09 -17.22 -42.36
N HIS A 90 2.09 -15.89 -42.38
CA HIS A 90 2.57 -15.09 -43.50
C HIS A 90 3.96 -14.51 -43.22
N GLY A 91 4.57 -14.94 -42.11
CA GLY A 91 5.97 -14.65 -41.77
C GLY A 91 6.16 -13.20 -41.31
N LYS A 92 5.13 -12.67 -40.64
CA LYS A 92 5.14 -11.34 -40.04
C LYS A 92 5.33 -11.48 -38.54
N HIS A 93 6.27 -10.69 -38.01
CA HIS A 93 6.48 -10.57 -36.57
C HIS A 93 5.28 -9.81 -36.00
N VAL A 94 5.02 -10.03 -34.71
CA VAL A 94 3.79 -9.61 -34.07
C VAL A 94 4.09 -8.83 -32.80
N LEU A 95 3.57 -7.59 -32.74
CA LEU A 95 3.37 -6.85 -31.51
C LEU A 95 1.86 -6.70 -31.28
N VAL A 96 1.38 -7.32 -30.19
CA VAL A 96 -0.02 -7.33 -29.83
C VAL A 96 -0.20 -6.50 -28.57
N GLU A 97 -1.30 -5.74 -28.48
CA GLU A 97 -1.54 -4.92 -27.31
C GLU A 97 -1.82 -5.82 -26.09
N LYS A 98 -1.57 -5.25 -24.91
CA LYS A 98 -2.15 -5.82 -23.69
C LYS A 98 -3.67 -5.67 -23.85
N PRO A 99 -4.52 -6.65 -23.47
CA PRO A 99 -4.07 -7.96 -23.04
C PRO A 99 -3.76 -8.73 -24.31
N MET A 100 -2.73 -9.56 -24.17
CA MET A 100 -2.32 -10.49 -25.18
C MET A 100 -3.53 -11.26 -25.68
N ALA A 101 -4.33 -11.74 -24.72
CA ALA A 101 -5.57 -12.48 -24.89
C ALA A 101 -6.18 -12.62 -23.49
N LEU A 102 -7.37 -13.20 -23.39
CA LEU A 102 -8.03 -13.29 -22.10
C LEU A 102 -8.14 -14.74 -21.61
N SER A 103 -7.56 -15.66 -22.37
CA SER A 103 -7.51 -17.04 -21.92
C SER A 103 -6.09 -17.58 -22.13
N LEU A 104 -5.71 -18.58 -21.31
CA LEU A 104 -4.37 -19.14 -21.42
C LEU A 104 -4.26 -19.97 -22.70
N GLY A 105 -5.41 -20.45 -23.21
CA GLY A 105 -5.44 -21.23 -24.43
C GLY A 105 -5.10 -20.38 -25.66
N ASP A 106 -5.75 -19.23 -25.77
CA ASP A 106 -5.43 -18.23 -26.78
C ASP A 106 -3.93 -17.91 -26.76
N CYS A 107 -3.37 -17.67 -25.57
CA CYS A 107 -1.97 -17.28 -25.44
C CYS A 107 -1.08 -18.41 -25.94
N ASP A 108 -1.43 -19.64 -25.58
CA ASP A 108 -0.61 -20.80 -25.91
C ASP A 108 -0.50 -20.93 -27.42
N GLU A 109 -1.67 -20.91 -28.07
CA GLU A 109 -1.76 -20.93 -29.52
C GLU A 109 -0.87 -19.85 -30.12
N MET A 110 -0.97 -18.61 -29.59
CA MET A 110 -0.22 -17.47 -30.11
C MET A 110 1.28 -17.73 -30.09
N ILE A 111 1.78 -18.20 -28.94
CA ILE A 111 3.18 -18.58 -28.75
C ILE A 111 3.57 -19.66 -29.77
N GLN A 112 2.77 -20.72 -29.88
CA GLN A 112 3.05 -21.86 -30.75
C GLN A 112 3.15 -21.40 -32.20
N HIS A 113 2.16 -20.65 -32.66
CA HIS A 113 2.12 -20.19 -34.04
C HIS A 113 3.34 -19.32 -34.37
N CYS A 114 3.77 -18.45 -33.45
CA CYS A 114 4.88 -17.57 -33.80
C CYS A 114 6.20 -18.36 -33.73
N ARG A 115 6.24 -19.32 -32.81
CA ARG A 115 7.33 -20.26 -32.62
C ARG A 115 7.52 -21.04 -33.92
N ASP A 116 6.41 -21.57 -34.45
CA ASP A 116 6.46 -22.42 -35.63
C ASP A 116 6.85 -21.61 -36.85
N ALA A 117 6.29 -20.40 -36.98
CA ALA A 117 6.55 -19.58 -38.15
C ALA A 117 7.95 -18.98 -38.08
N GLY A 118 8.60 -19.06 -36.91
CA GLY A 118 9.90 -18.45 -36.67
C GLY A 118 9.92 -16.92 -36.61
N VAL A 119 8.80 -16.30 -36.21
CA VAL A 119 8.67 -14.85 -36.07
C VAL A 119 8.65 -14.48 -34.58
N HIS A 120 9.05 -13.25 -34.24
CA HIS A 120 9.05 -12.80 -32.84
C HIS A 120 7.67 -12.35 -32.41
N LEU A 121 7.33 -12.64 -31.15
CA LEU A 121 6.06 -12.28 -30.58
C LEU A 121 6.32 -11.41 -29.35
N ILE A 122 5.87 -10.14 -29.40
CA ILE A 122 6.03 -9.19 -28.29
C ILE A 122 4.66 -8.63 -27.90
N VAL A 123 4.45 -8.38 -26.58
CA VAL A 123 3.18 -7.89 -26.06
C VAL A 123 3.17 -6.40 -25.74
N GLY A 124 2.38 -5.70 -26.60
CA GLY A 124 2.06 -4.27 -26.88
C GLY A 124 2.71 -3.33 -25.91
N HIS A 125 2.03 -2.24 -25.56
CA HIS A 125 2.58 -1.48 -24.46
C HIS A 125 2.18 -2.10 -23.11
N CYS A 126 3.18 -2.30 -22.24
CA CYS A 126 2.91 -2.55 -20.83
C CYS A 126 3.81 -1.59 -20.06
N HIS A 127 3.32 -1.02 -18.95
CA HIS A 127 4.06 -0.02 -18.19
C HIS A 127 5.37 -0.58 -17.65
N SER A 128 5.49 -1.92 -17.65
CA SER A 128 6.72 -2.57 -17.24
C SER A 128 7.83 -2.30 -18.26
N PHE A 129 7.50 -1.84 -19.48
CA PHE A 129 8.50 -1.38 -20.44
C PHE A 129 9.08 0.00 -20.03
N ASP A 130 8.44 0.74 -19.10
CA ASP A 130 8.83 2.11 -18.84
C ASP A 130 10.23 2.20 -18.19
N THR A 131 11.05 3.10 -18.76
CA THR A 131 12.44 3.31 -18.39
C THR A 131 12.67 3.29 -16.87
N PRO A 132 11.91 4.05 -16.04
CA PRO A 132 12.15 4.03 -14.60
C PRO A 132 12.16 2.62 -14.02
N TYR A 133 11.31 1.72 -14.56
CA TYR A 133 11.28 0.34 -14.05
C TYR A 133 12.42 -0.46 -14.64
N LEU A 134 12.77 -0.23 -15.90
CA LEU A 134 13.90 -0.96 -16.44
C LEU A 134 15.13 -0.60 -15.63
N SER A 135 15.20 0.68 -15.24
CA SER A 135 16.37 1.20 -14.54
C SER A 135 16.41 0.62 -13.12
N ALA A 136 15.24 0.49 -12.48
CA ALA A 136 15.16 -0.07 -11.14
C ALA A 136 15.51 -1.55 -11.18
N ARG A 137 15.10 -2.19 -12.29
CA ARG A 137 15.42 -3.58 -12.55
C ARG A 137 16.92 -3.74 -12.65
N GLU A 138 17.59 -2.79 -13.31
CA GLU A 138 19.03 -2.85 -13.54
C GLU A 138 19.74 -2.85 -12.18
N ILE A 139 19.26 -1.99 -11.26
CA ILE A 139 19.84 -1.93 -9.93
C ILE A 139 19.66 -3.29 -9.23
N VAL A 140 18.46 -3.86 -9.28
CA VAL A 140 18.25 -5.10 -8.54
C VAL A 140 19.17 -6.16 -9.12
N GLN A 141 19.25 -6.23 -10.45
CA GLN A 141 19.97 -7.32 -11.10
C GLN A 141 21.47 -7.12 -10.90
N SER A 142 21.91 -5.88 -10.60
CA SER A 142 23.31 -5.55 -10.38
C SER A 142 23.82 -6.06 -9.04
N GLY A 143 22.90 -6.43 -8.14
CA GLY A 143 23.30 -6.96 -6.84
C GLY A 143 23.70 -5.85 -5.85
N GLU A 144 23.54 -4.62 -6.27
CA GLU A 144 23.95 -3.47 -5.53
C GLU A 144 23.28 -3.40 -4.16
N LEU A 145 21.98 -3.76 -4.07
CA LEU A 145 21.27 -3.65 -2.79
C LEU A 145 20.87 -5.03 -2.28
N GLY A 146 21.44 -6.09 -2.86
CA GLY A 146 21.03 -7.44 -2.53
C GLY A 146 19.68 -7.76 -3.17
N PRO A 147 19.12 -8.97 -2.91
CA PRO A 147 17.84 -9.36 -3.53
C PRO A 147 16.64 -8.57 -3.02
N VAL A 148 15.55 -8.60 -3.81
CA VAL A 148 14.29 -7.99 -3.41
C VAL A 148 13.69 -8.85 -2.34
N ARG A 149 13.14 -8.18 -1.31
CA ARG A 149 12.48 -8.87 -0.21
C ARG A 149 11.01 -8.47 -0.18
N MET A 150 10.71 -7.22 -0.54
CA MET A 150 9.35 -6.73 -0.46
C MET A 150 9.09 -5.69 -1.54
N VAL A 151 7.87 -5.70 -2.08
CA VAL A 151 7.45 -4.63 -2.98
C VAL A 151 6.07 -4.17 -2.54
N HIS A 152 5.87 -2.86 -2.58
CA HIS A 152 4.60 -2.23 -2.24
C HIS A 152 4.26 -1.27 -3.37
N ALA A 153 3.07 -1.47 -3.95
CA ALA A 153 2.68 -0.77 -5.16
C ALA A 153 1.22 -0.37 -4.99
N LEU A 154 0.91 0.83 -5.46
CA LEU A 154 -0.45 1.30 -5.34
C LEU A 154 -0.70 2.31 -6.47
N ASN A 155 -1.98 2.32 -6.91
CA ASN A 155 -2.43 3.24 -7.94
C ASN A 155 -3.87 3.60 -7.65
N TYR A 156 -4.07 4.88 -7.36
CA TYR A 156 -5.40 5.49 -7.27
C TYR A 156 -5.63 6.38 -8.47
N THR A 157 -6.62 6.03 -9.31
CA THR A 157 -6.87 6.68 -10.59
C THR A 157 -8.37 6.92 -10.77
N ASP A 158 -8.76 7.45 -11.95
CA ASP A 158 -10.14 7.64 -12.34
C ASP A 158 -10.50 6.69 -13.48
N PHE A 159 -9.82 5.56 -13.51
CA PHE A 159 -9.97 4.61 -14.59
C PHE A 159 -11.44 4.26 -14.83
N LEU A 160 -12.21 4.06 -13.74
CA LEU A 160 -13.54 3.47 -13.86
C LEU A 160 -14.49 4.38 -14.65
N TYR A 161 -14.19 5.69 -14.71
CA TYR A 161 -15.13 6.70 -15.16
C TYR A 161 -14.52 7.53 -16.29
N ARG A 162 -13.19 7.65 -16.31
CA ARG A 162 -12.50 8.33 -17.39
C ARG A 162 -11.46 7.36 -17.97
N PRO A 163 -11.86 6.19 -18.52
CA PRO A 163 -10.91 5.21 -19.06
C PRO A 163 -10.69 5.29 -20.57
N ARG A 164 -10.03 4.28 -21.10
CA ARG A 164 -10.17 3.96 -22.50
C ARG A 164 -11.29 3.06 -22.07
N ARG A 165 -12.18 2.73 -22.97
CA ARG A 165 -13.47 2.15 -22.60
C ARG A 165 -13.76 0.74 -23.15
N PRO A 166 -13.17 0.23 -24.27
CA PRO A 166 -13.43 -1.14 -24.71
C PRO A 166 -12.82 -2.22 -23.82
N GLU A 167 -12.05 -1.81 -22.79
CA GLU A 167 -11.46 -2.72 -21.80
C GLU A 167 -12.47 -3.07 -20.69
N GLU A 168 -13.68 -2.48 -20.73
CA GLU A 168 -14.81 -2.86 -19.89
C GLU A 168 -16.08 -2.99 -20.75
N GLY A 174 -16.00 -9.92 -17.81
CA GLY A 174 -15.33 -10.12 -16.50
C GLY A 174 -14.29 -9.05 -16.16
N GLY A 175 -14.17 -8.79 -14.85
CA GLY A 175 -13.09 -8.11 -14.14
C GLY A 175 -12.23 -7.15 -14.96
N GLY A 176 -12.84 -6.10 -15.48
CA GLY A 176 -12.21 -5.05 -16.27
C GLY A 176 -10.92 -4.44 -15.68
N VAL A 177 -10.90 -4.07 -14.39
CA VAL A 177 -9.72 -3.38 -13.88
C VAL A 177 -8.57 -4.35 -13.60
N VAL A 178 -8.87 -5.62 -13.36
CA VAL A 178 -7.84 -6.64 -13.28
C VAL A 178 -7.13 -6.82 -14.62
N PHE A 179 -7.89 -7.03 -15.70
CA PHE A 179 -7.28 -7.43 -16.95
C PHE A 179 -6.58 -6.25 -17.60
N SER A 180 -7.04 -5.03 -17.32
CA SER A 180 -6.42 -3.84 -17.87
C SER A 180 -5.39 -3.24 -16.91
N GLN A 181 -5.78 -3.01 -15.63
CA GLN A 181 -4.94 -2.24 -14.74
C GLN A 181 -3.96 -3.12 -13.95
N ALA A 182 -4.42 -4.26 -13.42
CA ALA A 182 -3.57 -5.14 -12.64
C ALA A 182 -2.52 -5.79 -13.53
N ALA A 183 -2.84 -5.98 -14.81
CA ALA A 183 -1.89 -6.41 -15.81
C ALA A 183 -0.60 -5.57 -15.74
N HIS A 184 -0.71 -4.24 -15.75
CA HIS A 184 0.47 -3.42 -15.64
C HIS A 184 1.12 -3.65 -14.29
N GLN A 185 0.33 -3.63 -13.22
CA GLN A 185 0.92 -3.68 -11.89
C GLN A 185 1.74 -4.96 -11.72
N VAL A 186 1.14 -6.12 -12.02
CA VAL A 186 1.75 -7.42 -11.88
C VAL A 186 3.01 -7.50 -12.77
N ASP A 187 2.91 -6.93 -13.97
CA ASP A 187 4.01 -6.95 -14.92
C ASP A 187 5.20 -6.22 -14.29
N ILE A 188 4.97 -5.00 -13.75
CA ILE A 188 6.02 -4.21 -13.11
C ILE A 188 6.62 -4.98 -11.92
N VAL A 189 5.76 -5.53 -11.07
CA VAL A 189 6.26 -6.29 -9.93
C VAL A 189 7.06 -7.51 -10.38
N ARG A 190 6.60 -8.22 -11.42
CA ARG A 190 7.33 -9.37 -11.91
C ARG A 190 8.68 -8.91 -12.44
N LEU A 191 8.69 -7.82 -13.23
CA LEU A 191 9.93 -7.30 -13.79
C LEU A 191 10.93 -7.06 -12.67
N LEU A 192 10.46 -6.48 -11.56
CA LEU A 192 11.34 -5.93 -10.53
C LEU A 192 11.86 -7.06 -9.63
N VAL A 193 10.96 -7.96 -9.19
CA VAL A 193 11.40 -9.02 -8.31
C VAL A 193 12.26 -9.96 -9.12
N GLY A 194 11.76 -10.30 -10.30
CA GLY A 194 12.55 -11.14 -11.19
C GLY A 194 12.47 -12.63 -10.85
N THR A 195 11.48 -13.07 -10.07
CA THR A 195 11.23 -14.50 -9.96
C THR A 195 9.73 -14.79 -10.14
N ARG A 196 9.40 -16.08 -10.20
CA ARG A 196 8.04 -16.55 -10.38
C ARG A 196 7.15 -16.13 -9.21
N VAL A 197 5.91 -15.72 -9.52
CA VAL A 197 4.81 -15.70 -8.57
C VAL A 197 4.38 -17.14 -8.27
N ARG A 198 4.28 -17.45 -6.98
CA ARG A 198 3.93 -18.80 -6.54
C ARG A 198 2.52 -18.85 -5.96
N ARG A 199 2.01 -17.72 -5.49
CA ARG A 199 0.77 -17.64 -4.75
C ARG A 199 0.25 -16.22 -4.79
N VAL A 200 -1.08 -16.14 -4.76
CA VAL A 200 -1.81 -14.90 -4.85
C VAL A 200 -3.01 -15.00 -3.90
N ARG A 201 -3.30 -13.89 -3.19
CA ARG A 201 -4.54 -13.72 -2.45
C ARG A 201 -5.06 -12.31 -2.66
N ALA A 202 -6.29 -12.24 -3.22
CA ALA A 202 -6.82 -10.97 -3.68
C ALA A 202 -8.21 -10.72 -3.10
N ILE A 203 -8.51 -9.43 -2.84
CA ILE A 203 -9.86 -8.92 -2.57
C ILE A 203 -10.14 -7.87 -3.62
N THR A 204 -11.31 -7.96 -4.25
CA THR A 204 -11.79 -6.88 -5.08
C THR A 204 -12.96 -6.15 -4.41
N GLY A 205 -13.12 -4.90 -4.82
CA GLY A 205 -14.16 -4.03 -4.31
C GLY A 205 -14.99 -3.57 -5.48
N ASP A 206 -16.30 -3.45 -5.27
CA ASP A 206 -17.24 -3.12 -6.33
C ASP A 206 -18.41 -2.44 -5.67
N TRP A 207 -18.42 -1.11 -5.67
CA TRP A 207 -19.34 -0.42 -4.78
C TRP A 207 -20.04 0.71 -5.53
N ASP A 208 -19.98 0.63 -6.86
CA ASP A 208 -20.74 1.58 -7.64
C ASP A 208 -21.74 0.84 -8.54
N PRO A 209 -23.04 0.84 -8.18
CA PRO A 209 -24.09 0.24 -9.02
C PRO A 209 -24.06 0.68 -10.49
N MET A 210 -23.89 1.99 -10.75
CA MET A 210 -23.79 2.57 -12.09
C MET A 210 -22.63 1.90 -12.86
N ARG A 211 -21.67 1.36 -12.13
CA ARG A 211 -20.50 0.81 -12.78
C ARG A 211 -20.26 -0.62 -12.28
N PRO A 212 -21.20 -1.56 -12.54
CA PRO A 212 -21.16 -2.88 -11.88
C PRO A 212 -20.00 -3.74 -12.36
N THR A 213 -18.79 -3.26 -12.08
CA THR A 213 -17.56 -3.98 -12.31
C THR A 213 -16.64 -3.76 -11.11
N GLN A 214 -15.62 -4.61 -10.93
CA GLN A 214 -14.65 -4.39 -9.87
C GLN A 214 -13.85 -3.12 -10.15
N GLY A 215 -13.83 -2.16 -9.21
CA GLY A 215 -13.14 -0.90 -9.43
C GLY A 215 -11.88 -0.76 -8.57
N ALA A 216 -11.64 -1.77 -7.73
CA ALA A 216 -10.61 -1.64 -6.71
C ALA A 216 -10.18 -3.01 -6.25
N TYR A 217 -8.94 -3.11 -5.79
CA TYR A 217 -8.48 -4.37 -5.23
C TYR A 217 -7.26 -4.12 -4.35
N SER A 218 -6.99 -5.14 -3.51
CA SER A 218 -5.72 -5.31 -2.80
C SER A 218 -5.34 -6.77 -2.88
N ALA A 219 -4.06 -7.07 -3.18
CA ALA A 219 -3.63 -8.44 -3.35
C ALA A 219 -2.25 -8.65 -2.72
N LEU A 220 -2.06 -9.85 -2.17
CA LEU A 220 -0.75 -10.31 -1.74
C LEU A 220 -0.20 -11.28 -2.77
N LEU A 221 1.09 -11.17 -3.09
CA LEU A 221 1.79 -12.05 -3.98
C LEU A 221 3.03 -12.57 -3.24
N TRP A 222 3.21 -13.89 -3.25
CA TRP A 222 4.43 -14.55 -2.78
C TRP A 222 5.27 -14.89 -4.00
N PHE A 223 6.58 -14.66 -3.91
CA PHE A 223 7.49 -14.95 -5.02
C PHE A 223 8.44 -16.06 -4.64
N GLU A 224 8.91 -16.77 -5.67
CA GLU A 224 9.97 -17.75 -5.49
C GLU A 224 11.16 -17.02 -4.90
N GLY A 225 11.68 -17.56 -3.79
CA GLY A 225 12.83 -17.02 -3.09
C GLY A 225 12.43 -16.27 -1.83
N GLY A 226 11.12 -16.08 -1.63
CA GLY A 226 10.62 -15.53 -0.37
C GLY A 226 10.25 -14.04 -0.39
N ALA A 227 10.45 -13.34 -1.53
CA ALA A 227 10.03 -11.96 -1.56
C ALA A 227 8.51 -11.94 -1.62
N PHE A 228 7.92 -10.86 -1.14
CA PHE A 228 6.48 -10.74 -1.24
C PHE A 228 6.15 -9.37 -1.81
N ALA A 229 4.98 -9.26 -2.44
CA ALA A 229 4.50 -7.96 -2.86
C ALA A 229 3.10 -7.77 -2.33
N SER A 230 2.77 -6.48 -2.10
CA SER A 230 1.37 -6.10 -2.02
C SER A 230 1.04 -5.01 -3.04
N ILE A 231 -0.08 -5.23 -3.73
CA ILE A 231 -0.53 -4.34 -4.78
C ILE A 231 -1.97 -3.92 -4.52
N SER A 232 -2.18 -2.59 -4.64
CA SER A 232 -3.48 -1.99 -4.45
C SER A 232 -3.79 -1.09 -5.64
N TYR A 233 -5.06 -1.13 -6.01
CA TYR A 233 -5.59 -0.35 -7.10
C TYR A 233 -6.98 0.15 -6.72
N ASN A 234 -7.26 1.38 -7.11
CA ASN A 234 -8.57 1.98 -6.90
C ASN A 234 -8.86 2.93 -8.05
N GLY A 235 -9.90 2.58 -8.83
CA GLY A 235 -10.20 3.27 -10.06
C GLY A 235 -11.30 4.31 -9.95
N TYR A 236 -11.71 4.64 -8.73
CA TYR A 236 -12.97 5.32 -8.52
C TYR A 236 -12.79 6.84 -8.56
N GLY A 237 -11.59 7.30 -8.88
CA GLY A 237 -11.34 8.66 -9.33
C GLY A 237 -11.40 9.69 -8.22
N HIS A 238 -11.11 9.35 -6.95
CA HIS A 238 -11.11 10.39 -5.92
C HIS A 238 -9.67 10.77 -5.59
N PHE A 239 -9.00 10.05 -4.68
CA PHE A 239 -7.59 10.37 -4.49
C PHE A 239 -6.81 10.06 -5.76
N ASP A 240 -5.77 10.84 -6.03
CA ASP A 240 -4.94 10.73 -7.23
C ASP A 240 -3.48 10.56 -6.81
N SER A 241 -2.98 9.31 -6.91
CA SER A 241 -1.70 8.97 -6.32
C SER A 241 -0.53 9.48 -7.16
N ASP A 242 -0.81 10.16 -8.28
CA ASP A 242 0.20 10.91 -9.01
C ASP A 242 0.79 11.97 -8.11
N GLU A 243 0.06 12.34 -7.06
CA GLU A 243 0.59 13.28 -6.09
C GLU A 243 1.91 12.75 -5.54
N TRP A 244 2.06 11.42 -5.50
CA TRP A 244 3.22 10.79 -4.87
C TRP A 244 4.27 10.40 -5.91
N CYS A 245 4.02 10.74 -7.18
CA CYS A 245 5.01 10.49 -8.22
C CYS A 245 5.46 11.81 -8.82
N ASP A 246 5.71 12.82 -7.95
CA ASP A 246 6.15 14.16 -8.34
C ASP A 246 5.17 14.81 -9.30
N TRP A 247 3.88 14.52 -9.10
CA TRP A 247 2.80 15.16 -9.83
C TRP A 247 2.98 14.99 -11.35
N ILE A 248 3.43 13.82 -11.75
CA ILE A 248 3.48 13.51 -13.18
C ILE A 248 2.47 12.40 -13.45
N GLY A 249 1.71 12.56 -14.53
CA GLY A 249 0.64 11.65 -14.87
C GLY A 249 1.15 10.37 -15.56
N GLU A 250 0.21 9.43 -15.80
CA GLU A 250 0.52 8.11 -16.28
C GLU A 250 1.31 8.17 -17.58
N MET A 251 1.03 9.17 -18.41
CA MET A 251 1.58 9.21 -19.76
C MET A 251 2.73 10.22 -19.78
N GLY A 252 3.16 10.71 -18.62
CA GLY A 252 4.40 11.46 -18.59
C GLY A 252 4.16 12.97 -18.45
N GLY A 253 2.89 13.37 -18.45
CA GLY A 253 2.54 14.78 -18.44
C GLY A 253 2.62 15.39 -17.03
N ASP A 254 2.78 16.70 -17.00
CA ASP A 254 2.87 17.46 -15.78
C ASP A 254 1.45 17.72 -15.25
N LYS A 255 1.26 17.58 -13.93
CA LYS A 255 -0.03 17.79 -13.31
C LYS A 255 0.04 18.74 -12.13
N SER A 256 1.17 19.42 -11.95
CA SER A 256 1.43 20.37 -10.87
C SER A 256 0.15 20.78 -10.14
N GLN A 298 7.03 21.17 -25.68
CA GLN A 298 6.36 20.26 -24.70
C GLN A 298 7.23 19.03 -24.43
N PRO A 299 8.38 19.16 -23.71
CA PRO A 299 9.16 17.99 -23.27
C PRO A 299 8.57 17.35 -22.00
N ILE A 300 8.34 16.04 -22.07
CA ILE A 300 7.60 15.30 -21.06
C ILE A 300 8.54 14.35 -20.30
N TRP A 301 7.99 13.59 -19.36
CA TRP A 301 8.79 12.69 -18.54
C TRP A 301 8.41 11.23 -18.87
N HIS A 302 8.95 10.27 -18.13
CA HIS A 302 8.64 8.89 -18.47
C HIS A 302 7.22 8.53 -18.04
N GLN A 303 6.70 7.45 -18.60
CA GLN A 303 5.41 6.92 -18.19
C GLN A 303 5.61 6.15 -16.89
N HIS A 304 4.53 6.02 -16.11
CA HIS A 304 4.56 5.21 -14.90
C HIS A 304 3.18 4.63 -14.61
N PHE A 305 3.11 3.85 -13.50
CA PHE A 305 1.86 3.22 -13.10
C PHE A 305 1.74 3.26 -11.57
N GLY A 306 1.95 4.47 -11.02
CA GLY A 306 1.60 4.79 -9.64
C GLY A 306 2.76 4.54 -8.68
N PRO A 307 2.68 5.00 -7.41
CA PRO A 307 3.76 4.81 -6.42
C PRO A 307 4.17 3.36 -6.20
N ILE A 308 5.47 3.09 -6.35
CA ILE A 308 6.04 1.78 -6.11
C ILE A 308 7.31 1.93 -5.26
N VAL A 309 7.39 1.13 -4.17
CA VAL A 309 8.59 1.01 -3.35
C VAL A 309 9.10 -0.46 -3.34
N VAL A 310 10.30 -0.66 -3.88
CA VAL A 310 11.01 -1.91 -3.89
C VAL A 310 12.01 -1.94 -2.72
N SER A 311 11.76 -2.87 -1.79
CA SER A 311 12.65 -3.09 -0.67
C SER A 311 13.59 -4.25 -1.00
N CYS A 312 14.85 -3.88 -1.25
CA CYS A 312 15.92 -4.87 -1.29
C CYS A 312 16.50 -5.07 0.11
N GLU A 313 17.26 -6.17 0.27
CA GLU A 313 17.86 -6.50 1.56
C GLU A 313 18.61 -5.32 2.14
N ARG A 314 19.25 -4.52 1.31
CA ARG A 314 20.10 -3.49 1.88
C ARG A 314 19.66 -2.11 1.41
N GLY A 315 18.47 -1.98 0.82
CA GLY A 315 18.00 -0.65 0.46
C GLY A 315 16.67 -0.70 -0.27
N ASP A 316 16.05 0.48 -0.45
CA ASP A 316 14.79 0.64 -1.15
C ASP A 316 15.02 1.40 -2.44
N ILE A 317 14.28 1.00 -3.47
CA ILE A 317 14.24 1.70 -4.75
C ILE A 317 12.83 2.24 -4.97
N ARG A 318 12.79 3.55 -5.24
CA ARG A 318 11.59 4.26 -5.63
C ARG A 318 11.73 4.77 -7.05
N PRO A 319 11.31 4.01 -8.09
CA PRO A 319 11.34 4.51 -9.47
C PRO A 319 10.30 5.60 -9.70
N LEU A 320 10.72 6.73 -10.26
CA LEU A 320 9.82 7.84 -10.51
C LEU A 320 9.87 8.20 -12.00
N PRO A 321 8.89 8.98 -12.52
CA PRO A 321 8.85 9.31 -13.93
C PRO A 321 10.03 10.18 -14.36
N ASP A 322 10.74 10.76 -13.38
CA ASP A 322 11.81 11.70 -13.69
C ASP A 322 13.11 11.34 -12.97
N SER A 323 13.17 10.18 -12.28
CA SER A 323 14.36 9.78 -11.56
C SER A 323 14.15 8.41 -10.92
N VAL A 324 15.24 7.85 -10.38
CA VAL A 324 15.15 6.65 -9.56
C VAL A 324 15.83 6.94 -8.23
N CYS A 325 15.04 6.89 -7.15
CA CYS A 325 15.46 7.24 -5.81
C CYS A 325 15.91 5.98 -5.12
N VAL A 326 17.16 6.04 -4.62
CA VAL A 326 17.74 4.92 -3.92
C VAL A 326 18.02 5.36 -2.48
N TYR A 327 17.51 4.57 -1.54
CA TYR A 327 17.64 4.80 -0.10
C TYR A 327 18.43 3.63 0.45
N ALA A 328 19.75 3.85 0.61
CA ALA A 328 20.66 2.82 1.08
C ALA A 328 21.25 3.29 2.40
N ASP A 329 21.88 2.36 3.15
CA ASP A 329 22.31 2.62 4.52
C ASP A 329 23.26 3.82 4.57
N LEU A 330 24.10 4.01 3.54
CA LEU A 330 25.01 5.15 3.53
C LEU A 330 24.28 6.42 3.09
N ALA A 331 23.86 6.46 1.81
CA ALA A 331 23.33 7.68 1.20
C ALA A 331 21.88 7.48 0.74
N LYS A 332 21.20 8.62 0.55
CA LYS A 332 19.91 8.72 -0.12
C LYS A 332 20.17 9.43 -1.45
N GLU A 333 19.81 8.81 -2.58
CA GLU A 333 20.22 9.29 -3.87
C GLU A 333 19.02 9.50 -4.80
N ARG A 334 18.88 10.69 -5.38
CA ARG A 334 17.99 10.85 -6.52
C ARG A 334 18.77 10.64 -7.82
N ARG A 335 18.70 9.44 -8.40
CA ARG A 335 19.41 9.18 -9.65
C ARG A 335 18.60 9.61 -10.87
N SER A 336 19.10 10.62 -11.58
CA SER A 336 18.35 11.25 -12.64
C SER A 336 18.19 10.30 -13.83
N LEU A 337 17.11 10.52 -14.59
CA LEU A 337 16.90 9.84 -15.84
C LEU A 337 16.94 10.89 -16.95
N GLN A 338 17.23 10.45 -18.18
CA GLN A 338 17.03 11.31 -19.34
C GLN A 338 15.53 11.36 -19.68
N ARG A 339 15.06 12.56 -20.06
CA ARG A 339 13.75 12.77 -20.62
C ARG A 339 13.66 12.01 -21.93
N PRO A 340 12.63 11.14 -22.14
CA PRO A 340 12.51 10.40 -23.40
C PRO A 340 12.29 11.36 -24.58
N VAL A 341 12.88 11.07 -25.72
CA VAL A 341 12.55 11.92 -26.87
C VAL A 341 11.30 11.38 -27.54
N VAL A 342 11.23 10.06 -27.66
CA VAL A 342 10.04 9.41 -28.16
C VAL A 342 9.35 8.69 -27.00
N PRO A 343 8.05 8.97 -26.76
CA PRO A 343 7.31 8.26 -25.71
C PRO A 343 7.27 6.76 -26.02
N ARG A 344 7.48 5.91 -25.00
CA ARG A 344 7.31 4.47 -25.11
C ARG A 344 8.29 3.88 -26.12
N PHE A 345 9.43 4.55 -26.32
CA PHE A 345 10.50 4.06 -27.17
C PHE A 345 10.98 2.69 -26.74
N GLU A 346 10.81 2.33 -25.46
CA GLU A 346 11.28 1.03 -24.97
C GLU A 346 10.55 -0.09 -25.72
N VAL A 347 9.32 0.17 -26.11
CA VAL A 347 8.53 -0.83 -26.81
C VAL A 347 9.17 -1.07 -28.18
N ILE A 348 9.56 0.02 -28.86
CA ILE A 348 10.15 -0.08 -30.20
C ILE A 348 11.54 -0.70 -30.09
N ASP A 349 12.26 -0.45 -28.99
CA ASP A 349 13.53 -1.10 -28.74
C ASP A 349 13.37 -2.61 -28.77
N GLU A 350 12.37 -3.15 -28.04
CA GLU A 350 12.22 -4.59 -28.02
C GLU A 350 11.93 -5.09 -29.45
N LEU A 351 11.07 -4.36 -30.16
CA LEU A 351 10.57 -4.86 -31.43
C LEU A 351 11.72 -4.78 -32.45
N TYR A 352 12.42 -3.65 -32.44
CA TYR A 352 13.45 -3.33 -33.42
C TYR A 352 14.60 -4.30 -33.27
N HIS A 353 15.06 -4.46 -32.01
CA HIS A 353 16.12 -5.40 -31.66
C HIS A 353 15.69 -6.84 -31.92
N ALA A 354 14.41 -7.21 -31.74
CA ALA A 354 14.00 -8.58 -32.01
C ALA A 354 14.07 -8.87 -33.51
N VAL A 355 13.58 -7.94 -34.32
CA VAL A 355 13.37 -8.24 -35.74
C VAL A 355 14.69 -8.04 -36.49
N VAL A 356 15.43 -6.96 -36.18
CA VAL A 356 16.60 -6.54 -36.93
C VAL A 356 17.88 -7.24 -36.41
N ASN A 357 17.98 -7.43 -35.08
CA ASN A 357 19.19 -7.93 -34.42
C ASN A 357 18.97 -9.31 -33.79
N GLU A 358 17.74 -9.83 -33.82
CA GLU A 358 17.38 -11.15 -33.29
C GLU A 358 17.56 -11.27 -31.78
N ILE A 359 17.56 -10.14 -31.06
CA ILE A 359 17.70 -10.21 -29.61
C ILE A 359 16.37 -10.61 -28.99
N LYS A 360 16.34 -11.75 -28.30
CA LYS A 360 15.11 -12.20 -27.66
C LYS A 360 14.61 -11.07 -26.76
N PRO A 361 13.34 -10.65 -26.93
CA PRO A 361 12.73 -9.59 -26.13
C PRO A 361 12.20 -10.04 -24.77
N LEU A 362 12.31 -9.19 -23.77
CA LEU A 362 11.89 -9.55 -22.43
C LEU A 362 10.38 -9.77 -22.45
N HIS A 363 9.65 -8.80 -23.03
CA HIS A 363 8.20 -8.90 -23.05
C HIS A 363 7.71 -9.81 -24.18
N ASP A 364 8.06 -11.09 -24.12
CA ASP A 364 7.57 -12.00 -25.14
C ASP A 364 6.19 -12.54 -24.77
N GLY A 365 5.68 -13.42 -25.64
CA GLY A 365 4.45 -14.15 -25.46
C GLY A 365 4.38 -14.97 -24.16
N VAL A 366 5.49 -15.66 -23.83
CA VAL A 366 5.63 -16.46 -22.62
C VAL A 366 5.47 -15.57 -21.39
N TRP A 367 6.14 -14.41 -21.42
CA TRP A 367 6.16 -13.44 -20.35
C TRP A 367 4.75 -12.90 -20.11
N ALA A 368 4.12 -12.44 -21.20
CA ALA A 368 2.80 -11.84 -21.14
C ALA A 368 1.78 -12.87 -20.63
N ARG A 369 1.87 -14.11 -21.13
CA ARG A 369 1.00 -15.18 -20.67
C ARG A 369 1.13 -15.36 -19.14
N ALA A 370 2.35 -15.30 -18.62
CA ALA A 370 2.60 -15.42 -17.20
C ALA A 370 1.88 -14.35 -16.37
N THR A 371 1.84 -13.07 -16.85
CA THR A 371 1.08 -12.01 -16.20
C THR A 371 -0.43 -12.28 -16.32
N LEU A 372 -0.87 -12.75 -17.49
CA LEU A 372 -2.27 -13.12 -17.60
C LEU A 372 -2.61 -14.17 -16.54
N GLU A 373 -1.73 -15.16 -16.37
CA GLU A 373 -2.02 -16.25 -15.45
C GLU A 373 -2.15 -15.69 -14.03
N VAL A 374 -1.35 -14.67 -13.69
CA VAL A 374 -1.45 -14.08 -12.37
C VAL A 374 -2.78 -13.32 -12.27
N CYS A 375 -3.15 -12.65 -13.36
CA CYS A 375 -4.37 -11.89 -13.38
C CYS A 375 -5.57 -12.81 -13.23
N LEU A 376 -5.56 -13.96 -13.92
CA LEU A 376 -6.65 -14.90 -13.76
C LEU A 376 -6.71 -15.29 -12.28
N ALA A 377 -5.53 -15.51 -11.69
CA ALA A 377 -5.42 -15.98 -10.33
C ALA A 377 -5.96 -14.95 -9.33
N LEU A 378 -5.71 -13.65 -9.58
CA LEU A 378 -6.30 -12.60 -8.76
C LEU A 378 -7.82 -12.70 -8.73
N LEU A 379 -8.44 -12.69 -9.92
CA LEU A 379 -9.90 -12.82 -10.09
C LEU A 379 -10.45 -14.09 -9.45
N ASP A 380 -9.76 -15.23 -9.64
CA ASP A 380 -10.18 -16.47 -9.01
C ASP A 380 -10.12 -16.34 -7.49
N SER A 381 -9.00 -15.78 -6.98
CA SER A 381 -8.84 -15.55 -5.55
C SER A 381 -9.94 -14.65 -4.97
N ALA A 382 -10.16 -13.46 -5.54
CA ALA A 382 -11.19 -12.55 -5.08
C ALA A 382 -12.56 -13.20 -5.17
N GLY A 383 -12.82 -13.88 -6.30
CA GLY A 383 -14.11 -14.47 -6.60
C GLY A 383 -14.43 -15.59 -5.62
N SER A 384 -13.41 -16.40 -5.28
CA SER A 384 -13.56 -17.45 -4.30
C SER A 384 -12.98 -16.92 -3.01
N GLY A 385 -13.05 -17.61 -1.90
CA GLY A 385 -12.50 -16.84 -0.77
C GLY A 385 -11.07 -17.27 -0.43
N LYS A 386 -10.26 -17.61 -1.43
CA LYS A 386 -9.06 -18.36 -1.09
C LYS A 386 -7.85 -18.07 -2.00
N ASP A 387 -6.69 -18.51 -1.50
CA ASP A 387 -5.42 -18.51 -2.21
C ASP A 387 -5.58 -19.20 -3.56
N VAL A 388 -4.84 -18.73 -4.56
CA VAL A 388 -4.57 -19.51 -5.76
C VAL A 388 -3.07 -19.77 -5.80
N GLU A 389 -2.72 -21.04 -6.03
CA GLU A 389 -1.33 -21.42 -6.14
C GLU A 389 -0.97 -21.43 -7.63
N LEU A 390 0.20 -20.87 -7.96
CA LEU A 390 0.62 -20.85 -9.35
C LEU A 390 1.65 -21.94 -9.64
N PRO A 391 1.52 -22.65 -10.78
CA PRO A 391 2.49 -23.69 -11.18
C PRO A 391 3.94 -23.17 -11.17
N GLY B 4 -10.36 15.28 40.92
CA GLY B 4 -11.48 16.22 40.67
C GLY B 4 -11.23 16.93 39.35
N HIS B 5 -11.14 18.27 39.41
CA HIS B 5 -10.78 19.16 38.32
C HIS B 5 -9.36 18.85 37.83
N GLN B 6 -8.41 18.70 38.77
CA GLN B 6 -7.08 18.23 38.41
C GLN B 6 -6.97 16.75 38.76
N LEU B 7 -6.96 15.91 37.73
CA LEU B 7 -6.88 14.47 37.92
C LEU B 7 -5.55 14.15 38.61
N ARG B 8 -5.59 13.40 39.70
CA ARG B 8 -4.38 13.15 40.47
C ARG B 8 -3.83 11.79 40.07
N LEU B 9 -2.70 11.84 39.33
CA LEU B 9 -2.23 10.68 38.57
C LEU B 9 -0.99 10.10 39.21
N GLY B 10 -1.01 8.79 39.43
CA GLY B 10 0.18 8.06 39.84
C GLY B 10 0.78 7.34 38.63
N VAL B 11 2.10 7.22 38.56
CA VAL B 11 2.72 6.52 37.44
C VAL B 11 3.46 5.29 37.95
N ALA B 12 3.13 4.13 37.36
CA ALA B 12 3.82 2.87 37.63
C ALA B 12 4.70 2.54 36.43
N GLY B 13 6.02 2.68 36.59
CA GLY B 13 6.94 2.40 35.52
C GLY B 13 7.37 3.67 34.81
N LEU B 14 8.54 4.17 35.18
CA LEU B 14 9.02 5.43 34.68
C LEU B 14 9.98 5.16 33.53
N GLY B 15 9.54 4.40 32.52
CA GLY B 15 10.46 4.09 31.43
C GLY B 15 10.34 5.03 30.24
N ARG B 16 10.46 4.46 29.02
CA ARG B 16 10.52 5.19 27.78
C ARG B 16 9.14 5.70 27.40
N ALA B 17 8.14 4.82 27.55
CA ALA B 17 6.75 5.20 27.35
C ALA B 17 6.43 6.40 28.24
N PHE B 18 6.77 6.29 29.53
CA PHE B 18 6.50 7.40 30.45
C PHE B 18 7.13 8.67 29.89
N THR B 19 8.39 8.59 29.45
CA THR B 19 9.11 9.83 29.11
C THR B 19 8.51 10.45 27.84
N LEU B 20 8.01 9.60 26.96
CA LEU B 20 7.32 10.05 25.76
C LEU B 20 6.01 10.74 26.12
N MET B 21 5.37 10.29 27.20
CA MET B 21 4.06 10.78 27.61
C MET B 21 4.19 12.04 28.49
N LEU B 22 5.41 12.30 28.97
CA LEU B 22 5.66 13.31 29.99
C LEU B 22 5.23 14.70 29.54
N PRO B 23 5.59 15.20 28.33
CA PRO B 23 5.28 16.58 27.97
C PRO B 23 3.77 16.74 28.07
N THR B 24 3.03 15.65 27.76
CA THR B 24 1.56 15.63 27.82
C THR B 24 1.10 15.83 29.25
N LEU B 25 1.63 15.01 30.16
CA LEU B 25 1.24 15.01 31.56
C LEU B 25 1.71 16.30 32.23
N GLN B 26 2.85 16.85 31.77
CA GLN B 26 3.33 18.12 32.29
C GLN B 26 2.42 19.25 31.84
N GLN B 27 2.12 19.30 30.54
CA GLN B 27 1.52 20.50 29.95
C GLN B 27 -0.01 20.51 30.05
N ASP B 28 -0.66 19.34 30.14
CA ASP B 28 -2.11 19.32 30.24
C ASP B 28 -2.50 19.80 31.64
N PRO B 29 -3.34 20.85 31.77
CA PRO B 29 -3.66 21.39 33.09
C PRO B 29 -4.65 20.53 33.89
N ARG B 30 -5.21 19.50 33.25
CA ARG B 30 -6.12 18.58 33.95
C ARG B 30 -5.36 17.50 34.74
N ILE B 31 -4.03 17.44 34.56
CA ILE B 31 -3.26 16.35 35.15
C ILE B 31 -2.36 16.95 36.23
N LYS B 32 -2.31 16.31 37.40
CA LYS B 32 -1.25 16.52 38.36
C LYS B 32 -0.65 15.16 38.67
N LEU B 33 0.69 15.03 38.53
CA LEU B 33 1.44 13.82 38.89
C LEU B 33 1.68 13.83 40.40
N VAL B 34 1.21 12.79 41.10
CA VAL B 34 1.17 12.89 42.56
C VAL B 34 2.04 11.83 43.21
N ALA B 35 2.50 10.85 42.42
CA ALA B 35 3.22 9.70 42.94
C ALA B 35 3.72 8.82 41.78
N ALA B 36 4.73 8.00 42.06
CA ALA B 36 5.24 7.05 41.07
C ALA B 36 5.77 5.81 41.78
N CYS B 37 5.74 4.67 41.10
CA CYS B 37 6.53 3.55 41.54
C CYS B 37 7.44 3.13 40.38
N ASP B 38 8.62 2.62 40.76
CA ASP B 38 9.63 2.07 39.86
C ASP B 38 10.62 1.26 40.69
N PRO B 39 10.96 0.02 40.27
CA PRO B 39 11.91 -0.79 41.05
C PRO B 39 13.32 -0.20 40.96
N ARG B 40 13.54 0.78 40.09
CA ARG B 40 14.87 1.35 40.05
C ARG B 40 14.95 2.65 40.86
N GLY B 41 15.89 2.64 41.81
CA GLY B 41 16.18 3.73 42.71
C GLY B 41 16.47 5.05 42.01
N SER B 42 17.12 5.00 40.85
CA SER B 42 17.53 6.24 40.19
C SER B 42 16.35 6.89 39.47
N ALA B 43 15.36 6.08 39.04
CA ALA B 43 14.11 6.60 38.47
C ALA B 43 13.23 7.19 39.57
N ARG B 44 13.07 6.43 40.68
CA ARG B 44 12.31 6.95 41.82
C ARG B 44 12.88 8.28 42.29
N ALA B 45 14.22 8.35 42.39
CA ALA B 45 14.91 9.54 42.88
C ALA B 45 14.66 10.72 41.93
N GLN B 46 14.71 10.45 40.63
CA GLN B 46 14.47 11.47 39.62
C GLN B 46 13.07 12.08 39.82
N PHE B 47 12.08 11.20 40.06
CA PHE B 47 10.66 11.56 40.10
C PHE B 47 10.37 12.34 41.38
N ALA B 48 10.86 11.85 42.52
CA ALA B 48 10.66 12.57 43.78
C ALA B 48 11.22 13.98 43.67
N SER B 49 12.38 14.11 43.03
CA SER B 49 13.02 15.40 42.87
C SER B 49 12.17 16.28 41.96
N ASP B 50 11.83 15.74 40.77
CA ASP B 50 11.15 16.49 39.72
C ASP B 50 9.77 16.98 40.15
N PHE B 51 9.00 16.14 40.86
CA PHE B 51 7.61 16.44 41.15
C PHE B 51 7.32 16.54 42.65
N ARG B 52 8.36 16.58 43.49
CA ARG B 52 8.20 16.73 44.93
C ARG B 52 7.12 15.74 45.36
N ALA B 53 7.37 14.45 45.11
CA ALA B 53 6.26 13.52 45.20
C ALA B 53 6.74 12.22 45.81
N PRO B 54 5.88 11.52 46.58
CA PRO B 54 6.30 10.27 47.22
C PRO B 54 6.53 9.21 46.13
N VAL B 55 7.50 8.33 46.35
CA VAL B 55 7.74 7.26 45.40
C VAL B 55 7.87 5.94 46.14
N TYR B 56 7.75 4.84 45.39
CA TYR B 56 7.61 3.50 45.95
C TYR B 56 8.38 2.54 45.07
N PRO B 57 8.92 1.43 45.63
CA PRO B 57 9.51 0.38 44.81
C PRO B 57 8.49 -0.42 44.01
N ASP B 58 7.21 -0.45 44.44
CA ASP B 58 6.25 -1.25 43.68
C ASP B 58 4.84 -0.69 43.68
N ILE B 59 3.94 -1.42 42.98
CA ILE B 59 2.57 -0.98 42.71
C ILE B 59 1.72 -1.00 43.98
N GLU B 60 2.02 -1.93 44.90
CA GLU B 60 1.31 -1.98 46.18
C GLU B 60 1.43 -0.64 46.90
N GLY B 61 2.62 -0.02 46.83
CA GLY B 61 2.86 1.28 47.45
C GLY B 61 2.11 2.40 46.74
N LEU B 62 2.21 2.45 45.41
CA LEU B 62 1.52 3.45 44.62
C LEU B 62 0.01 3.32 44.82
N ALA B 63 -0.53 2.11 44.69
CA ALA B 63 -1.95 1.85 44.81
C ALA B 63 -2.49 2.11 46.23
N SER B 64 -1.63 2.13 47.24
CA SER B 64 -2.06 2.32 48.62
C SER B 64 -2.06 3.79 49.01
N ASN B 65 -1.50 4.67 48.17
CA ASN B 65 -1.53 6.11 48.39
C ASN B 65 -2.93 6.64 48.06
N PRO B 66 -3.72 7.10 49.04
CA PRO B 66 -5.13 7.43 48.78
C PRO B 66 -5.38 8.74 48.04
N ASP B 67 -4.33 9.57 47.88
CA ASP B 67 -4.38 10.74 47.04
C ASP B 67 -4.39 10.37 45.55
N VAL B 68 -3.95 9.14 45.23
CA VAL B 68 -3.91 8.77 43.83
C VAL B 68 -5.33 8.49 43.33
N GLU B 69 -5.74 9.13 42.21
CA GLU B 69 -7.04 8.82 41.64
C GLU B 69 -6.93 7.80 40.52
N ALA B 70 -5.86 7.91 39.74
CA ALA B 70 -5.72 7.07 38.57
C ALA B 70 -4.26 6.70 38.43
N ILE B 71 -4.01 5.50 37.89
CA ILE B 71 -2.62 5.10 37.70
C ILE B 71 -2.34 4.87 36.22
N TYR B 72 -1.28 5.54 35.76
CA TYR B 72 -0.77 5.33 34.42
C TYR B 72 0.32 4.25 34.45
N ILE B 73 0.03 3.12 33.80
CA ILE B 73 0.93 1.96 33.82
C ILE B 73 1.84 2.02 32.58
N ALA B 74 3.12 2.30 32.79
CA ALA B 74 4.12 2.36 31.72
C ALA B 74 5.23 1.34 32.01
N SER B 75 4.89 0.31 32.78
CA SER B 75 5.83 -0.76 33.06
C SER B 75 5.96 -1.67 31.84
N PRO B 76 6.96 -2.57 31.78
CA PRO B 76 7.08 -3.51 30.65
C PRO B 76 5.83 -4.37 30.67
N HIS B 77 5.47 -4.94 29.51
CA HIS B 77 4.14 -5.48 29.28
C HIS B 77 3.80 -6.59 30.25
N GLN B 78 4.80 -7.32 30.76
CA GLN B 78 4.49 -8.56 31.47
C GLN B 78 3.98 -8.28 32.89
N PHE B 79 4.05 -7.00 33.31
CA PHE B 79 3.59 -6.58 34.63
C PHE B 79 2.24 -5.87 34.55
N HIS B 80 1.74 -5.62 33.32
CA HIS B 80 0.52 -4.86 33.12
C HIS B 80 -0.64 -5.55 33.85
N ALA B 81 -0.81 -6.86 33.62
CA ALA B 81 -2.02 -7.50 34.11
C ALA B 81 -2.04 -7.46 35.62
N GLN B 82 -0.88 -7.66 36.24
CA GLN B 82 -0.76 -7.70 37.69
C GLN B 82 -0.98 -6.29 38.27
N GLN B 83 -0.38 -5.29 37.60
CA GLN B 83 -0.39 -3.92 38.10
C GLN B 83 -1.78 -3.34 37.94
N ALA B 84 -2.47 -3.72 36.86
CA ALA B 84 -3.83 -3.27 36.69
C ALA B 84 -4.74 -3.89 37.77
N ARG B 85 -4.54 -5.18 38.04
CA ARG B 85 -5.30 -5.89 39.05
C ARG B 85 -5.18 -5.21 40.40
N ILE B 86 -3.96 -4.83 40.75
CA ILE B 86 -3.72 -4.25 42.06
C ILE B 86 -4.32 -2.84 42.13
N ALA B 87 -4.17 -2.02 41.07
CA ALA B 87 -4.73 -0.68 41.02
C ALA B 87 -6.25 -0.77 41.23
N ALA B 88 -6.88 -1.65 40.45
CA ALA B 88 -8.31 -1.89 40.48
C ALA B 88 -8.76 -2.33 41.87
N ARG B 89 -8.02 -3.25 42.49
CA ARG B 89 -8.35 -3.70 43.84
C ARG B 89 -8.46 -2.49 44.78
N HIS B 90 -7.69 -1.42 44.51
CA HIS B 90 -7.57 -0.27 45.41
C HIS B 90 -8.38 0.92 44.92
N GLY B 91 -9.23 0.68 43.89
CA GLY B 91 -10.19 1.65 43.42
C GLY B 91 -9.56 2.80 42.62
N LYS B 92 -8.47 2.47 41.92
CA LYS B 92 -7.75 3.39 41.05
C LYS B 92 -8.10 3.07 39.60
N HIS B 93 -8.45 4.12 38.85
CA HIS B 93 -8.64 4.00 37.40
C HIS B 93 -7.27 3.76 36.77
N VAL B 94 -7.30 3.12 35.58
CA VAL B 94 -6.10 2.65 34.93
C VAL B 94 -6.00 3.19 33.50
N LEU B 95 -4.86 3.83 33.21
CA LEU B 95 -4.36 4.01 31.85
C LEU B 95 -3.06 3.23 31.70
N VAL B 96 -3.09 2.20 30.85
CA VAL B 96 -1.99 1.29 30.62
C VAL B 96 -1.49 1.52 29.18
N GLU B 97 -0.17 1.49 29.01
CA GLU B 97 0.41 1.71 27.70
C GLU B 97 0.06 0.57 26.76
N LYS B 98 0.11 0.87 25.47
CA LYS B 98 0.19 -0.18 24.46
C LYS B 98 1.53 -0.90 24.70
N PRO B 99 1.63 -2.24 24.61
CA PRO B 99 0.47 -3.12 24.43
C PRO B 99 -0.15 -3.27 25.81
N MET B 100 -1.46 -3.35 25.81
CA MET B 100 -2.25 -3.59 26.99
C MET B 100 -1.66 -4.76 27.75
N ALA B 101 -1.37 -5.83 27.01
CA ALA B 101 -0.81 -7.09 27.45
C ALA B 101 -0.46 -7.85 26.17
N LEU B 102 0.20 -9.00 26.32
CA LEU B 102 0.64 -9.74 25.14
C LEU B 102 -0.13 -11.04 24.98
N SER B 103 -1.12 -11.28 25.84
CA SER B 103 -1.98 -12.43 25.69
C SER B 103 -3.43 -12.00 25.88
N LEU B 104 -4.37 -12.73 25.28
CA LEU B 104 -5.78 -12.40 25.41
C LEU B 104 -6.27 -12.69 26.82
N GLY B 105 -5.58 -13.61 27.51
CA GLY B 105 -5.94 -13.98 28.86
C GLY B 105 -5.63 -12.84 29.83
N ASP B 106 -4.42 -12.30 29.76
CA ASP B 106 -4.05 -11.11 30.50
C ASP B 106 -5.07 -9.99 30.29
N CYS B 107 -5.47 -9.74 29.04
CA CYS B 107 -6.39 -8.65 28.74
C CYS B 107 -7.73 -8.92 29.40
N ASP B 108 -8.21 -10.17 29.32
CA ASP B 108 -9.52 -10.56 29.84
C ASP B 108 -9.56 -10.28 31.34
N GLU B 109 -8.55 -10.78 32.05
CA GLU B 109 -8.39 -10.54 33.47
C GLU B 109 -8.43 -9.04 33.76
N MET B 110 -7.65 -8.24 33.00
CA MET B 110 -7.58 -6.79 33.18
C MET B 110 -8.96 -6.12 33.11
N ILE B 111 -9.72 -6.47 32.05
CA ILE B 111 -11.07 -6.01 31.83
C ILE B 111 -11.95 -6.41 33.02
N GLN B 112 -11.90 -7.68 33.43
CA GLN B 112 -12.74 -8.19 34.49
C GLN B 112 -12.47 -7.43 35.79
N HIS B 113 -11.19 -7.33 36.17
CA HIS B 113 -10.80 -6.68 37.41
C HIS B 113 -11.25 -5.22 37.43
N CYS B 114 -11.18 -4.50 36.29
CA CYS B 114 -11.54 -3.08 36.34
C CYS B 114 -13.05 -2.94 36.35
N ARG B 115 -13.70 -3.88 35.67
CA ARG B 115 -15.15 -4.00 35.62
C ARG B 115 -15.65 -4.21 37.05
N ASP B 116 -15.03 -5.15 37.76
CA ASP B 116 -15.51 -5.51 39.08
C ASP B 116 -15.27 -4.37 40.07
N ALA B 117 -14.09 -3.75 39.99
CA ALA B 117 -13.74 -2.68 40.91
C ALA B 117 -14.51 -1.40 40.59
N GLY B 118 -15.16 -1.36 39.42
CA GLY B 118 -15.95 -0.24 38.94
C GLY B 118 -15.10 0.98 38.55
N VAL B 119 -13.86 0.72 38.12
CA VAL B 119 -12.92 1.76 37.69
C VAL B 119 -12.83 1.70 36.17
N HIS B 120 -12.44 2.81 35.52
CA HIS B 120 -12.29 2.80 34.09
C HIS B 120 -10.92 2.26 33.69
N LEU B 121 -10.90 1.55 32.55
CA LEU B 121 -9.69 1.01 31.99
C LEU B 121 -9.54 1.57 30.59
N ILE B 122 -8.46 2.35 30.36
CA ILE B 122 -8.14 2.93 29.06
C ILE B 122 -6.71 2.51 28.67
N VAL B 123 -6.49 2.27 27.36
CA VAL B 123 -5.21 1.82 26.83
C VAL B 123 -4.38 2.93 26.18
N GLY B 124 -3.27 3.24 26.91
CA GLY B 124 -2.14 4.17 26.87
C GLY B 124 -2.21 5.11 25.71
N HIS B 125 -1.04 5.53 25.21
CA HIS B 125 -1.14 6.18 23.91
C HIS B 125 -1.24 5.13 22.80
N CYS B 126 -2.23 5.30 21.91
CA CYS B 126 -2.25 4.63 20.63
C CYS B 126 -2.52 5.73 19.60
N HIS B 127 -1.89 5.64 18.41
CA HIS B 127 -1.99 6.68 17.39
C HIS B 127 -3.41 6.87 16.90
N SER B 128 -4.29 5.90 17.17
CA SER B 128 -5.68 6.03 16.79
C SER B 128 -6.36 7.08 17.68
N PHE B 129 -5.72 7.53 18.76
CA PHE B 129 -6.22 8.68 19.51
C PHE B 129 -5.98 10.00 18.76
N ASP B 130 -5.10 10.01 17.75
CA ASP B 130 -4.66 11.27 17.15
C ASP B 130 -5.80 11.99 16.40
N THR B 131 -5.96 13.28 16.70
CA THR B 131 -7.00 14.17 16.18
C THR B 131 -7.32 13.94 14.69
N PRO B 132 -6.33 13.91 13.76
CA PRO B 132 -6.65 13.71 12.34
C PRO B 132 -7.46 12.43 12.12
N TYR B 133 -7.23 11.36 12.93
CA TYR B 133 -7.99 10.13 12.76
C TYR B 133 -9.34 10.27 13.41
N LEU B 134 -9.40 10.93 14.57
CA LEU B 134 -10.71 11.09 15.18
C LEU B 134 -11.59 11.86 14.20
N SER B 135 -10.97 12.86 13.53
CA SER B 135 -11.71 13.75 12.65
C SER B 135 -12.15 12.99 11.40
N ALA B 136 -11.31 12.09 10.90
CA ALA B 136 -11.66 11.30 9.73
C ALA B 136 -12.75 10.31 10.07
N ARG B 137 -12.69 9.80 11.32
CA ARG B 137 -13.73 8.94 11.87
C ARG B 137 -15.05 9.71 11.89
N GLU B 138 -15.00 11.00 12.24
CA GLU B 138 -16.20 11.81 12.36
C GLU B 138 -16.89 11.91 11.00
N ILE B 139 -16.09 12.12 9.95
CA ILE B 139 -16.60 12.15 8.60
C ILE B 139 -17.29 10.81 8.27
N VAL B 140 -16.63 9.69 8.54
CA VAL B 140 -17.21 8.41 8.17
C VAL B 140 -18.53 8.25 8.87
N GLN B 141 -18.56 8.56 10.17
CA GLN B 141 -19.73 8.26 10.98
C GLN B 141 -20.86 9.24 10.63
N SER B 142 -20.51 10.41 10.04
CA SER B 142 -21.50 11.40 9.64
C SER B 142 -22.29 10.94 8.39
N GLY B 143 -21.77 9.94 7.67
CA GLY B 143 -22.44 9.42 6.49
C GLY B 143 -22.30 10.34 5.28
N GLU B 144 -21.45 11.35 5.42
CA GLU B 144 -21.19 12.30 4.36
C GLU B 144 -20.66 11.62 3.08
N LEU B 145 -19.84 10.55 3.20
CA LEU B 145 -19.31 9.89 2.01
C LEU B 145 -19.81 8.46 1.91
N GLY B 146 -20.78 8.10 2.74
CA GLY B 146 -21.25 6.72 2.77
C GLY B 146 -20.27 5.85 3.52
N PRO B 147 -20.49 4.50 3.60
CA PRO B 147 -19.63 3.62 4.38
C PRO B 147 -18.24 3.44 3.77
N VAL B 148 -17.30 2.99 4.59
CA VAL B 148 -15.97 2.66 4.15
C VAL B 148 -16.05 1.37 3.36
N ARG B 149 -15.31 1.34 2.24
CA ARG B 149 -15.25 0.17 1.39
C ARG B 149 -13.82 -0.36 1.37
N MET B 150 -12.84 0.55 1.42
CA MET B 150 -11.45 0.14 1.31
C MET B 150 -10.55 1.07 2.11
N VAL B 151 -9.54 0.49 2.76
CA VAL B 151 -8.55 1.30 3.45
C VAL B 151 -7.18 0.78 3.07
N HIS B 152 -6.28 1.72 2.81
CA HIS B 152 -4.91 1.40 2.46
C HIS B 152 -3.99 2.24 3.33
N ALA B 153 -3.08 1.54 4.03
CA ALA B 153 -2.24 2.14 5.04
C ALA B 153 -0.84 1.62 4.87
N LEU B 154 0.13 2.53 5.07
CA LEU B 154 1.51 2.11 4.95
C LEU B 154 2.38 3.01 5.82
N ASN B 155 3.44 2.42 6.38
CA ASN B 155 4.41 3.13 7.20
C ASN B 155 5.78 2.53 6.96
N TYR B 156 6.64 3.36 6.37
CA TYR B 156 8.04 3.05 6.22
C TYR B 156 8.86 3.90 7.20
N THR B 157 9.50 3.23 8.17
CA THR B 157 10.16 3.90 9.28
C THR B 157 11.52 3.25 9.51
N ASP B 158 12.23 3.77 10.53
CA ASP B 158 13.53 3.25 10.94
C ASP B 158 13.36 2.59 12.32
N PHE B 159 12.18 2.04 12.58
CA PHE B 159 11.86 1.50 13.87
C PHE B 159 12.87 0.43 14.29
N LEU B 160 13.33 -0.39 13.35
CA LEU B 160 14.12 -1.57 13.70
C LEU B 160 15.47 -1.16 14.31
N TYR B 161 15.95 0.06 14.02
CA TYR B 161 17.32 0.47 14.27
C TYR B 161 17.34 1.73 15.11
N ARG B 162 16.30 2.56 15.00
CA ARG B 162 16.17 3.74 15.83
C ARG B 162 14.81 3.67 16.54
N PRO B 163 14.56 2.65 17.40
CA PRO B 163 13.27 2.52 18.07
C PRO B 163 13.24 3.07 19.50
N ARG B 164 12.11 2.80 20.15
CA ARG B 164 12.05 2.77 21.60
C ARG B 164 12.33 1.31 21.98
N ARG B 165 13.44 1.10 22.69
CA ARG B 165 14.24 -0.12 22.60
C ARG B 165 13.53 -1.36 23.17
N PRO B 166 12.88 -1.33 24.36
CA PRO B 166 12.51 -2.57 25.05
C PRO B 166 11.33 -3.33 24.44
N GLU B 167 10.73 -2.77 23.36
CA GLU B 167 9.61 -3.39 22.67
C GLU B 167 10.10 -4.54 21.78
N GLU B 168 11.38 -4.53 21.37
CA GLU B 168 11.94 -5.60 20.55
C GLU B 168 13.32 -6.00 21.07
N GLU B 173 10.15 -13.37 22.61
CA GLU B 173 8.77 -12.85 22.41
C GLU B 173 8.49 -12.64 20.92
N GLY B 174 9.52 -12.80 20.07
CA GLY B 174 9.43 -12.80 18.63
C GLY B 174 9.04 -11.45 18.01
N GLY B 175 7.74 -11.29 17.71
CA GLY B 175 7.22 -10.35 16.72
C GLY B 175 7.10 -8.91 17.20
N GLY B 176 8.26 -8.29 17.45
CA GLY B 176 8.37 -6.92 17.96
C GLY B 176 7.62 -5.85 17.16
N VAL B 177 7.72 -5.84 15.82
CA VAL B 177 7.09 -4.76 15.06
C VAL B 177 5.59 -4.96 14.93
N VAL B 178 5.11 -6.20 15.03
CA VAL B 178 3.68 -6.44 15.09
C VAL B 178 3.06 -5.87 16.38
N PHE B 179 3.65 -6.20 17.53
CA PHE B 179 3.01 -5.86 18.79
C PHE B 179 3.14 -4.38 19.10
N SER B 180 4.21 -3.75 18.57
CA SER B 180 4.42 -2.33 18.75
C SER B 180 3.85 -1.52 17.58
N GLN B 181 4.20 -1.88 16.33
CA GLN B 181 3.90 -1.01 15.21
C GLN B 181 2.55 -1.31 14.58
N ALA B 182 2.22 -2.62 14.38
CA ALA B 182 0.97 -2.99 13.75
C ALA B 182 -0.18 -2.68 14.69
N ALA B 183 0.06 -2.72 15.99
CA ALA B 183 -0.91 -2.27 16.98
C ALA B 183 -1.49 -0.90 16.59
N HIS B 184 -0.62 0.08 16.29
CA HIS B 184 -1.14 1.37 15.92
C HIS B 184 -1.89 1.27 14.61
N GLN B 185 -1.30 0.56 13.64
CA GLN B 185 -1.90 0.53 12.31
C GLN B 185 -3.29 -0.06 12.33
N VAL B 186 -3.45 -1.25 12.95
CA VAL B 186 -4.70 -1.96 13.10
C VAL B 186 -5.72 -1.09 13.84
N ASP B 187 -5.23 -0.41 14.90
CA ASP B 187 -6.09 0.41 15.74
C ASP B 187 -6.70 1.51 14.88
N ILE B 188 -5.86 2.22 14.09
CA ILE B 188 -6.33 3.30 13.23
C ILE B 188 -7.33 2.75 12.22
N VAL B 189 -6.97 1.66 11.58
CA VAL B 189 -7.90 1.05 10.61
C VAL B 189 -9.22 0.66 11.27
N ARG B 190 -9.19 0.07 12.46
CA ARG B 190 -10.43 -0.31 13.13
C ARG B 190 -11.23 0.95 13.47
N LEU B 191 -10.54 1.98 13.98
CA LEU B 191 -11.22 3.23 14.31
C LEU B 191 -12.00 3.75 13.11
N LEU B 192 -11.37 3.67 11.93
CA LEU B 192 -11.86 4.35 10.73
C LEU B 192 -12.99 3.52 10.09
N VAL B 193 -12.77 2.19 9.95
CA VAL B 193 -13.78 1.38 9.30
C VAL B 193 -14.99 1.34 10.22
N GLY B 194 -14.73 1.12 11.49
CA GLY B 194 -15.80 1.08 12.46
C GLY B 194 -16.57 -0.24 12.48
N THR B 195 -16.03 -1.34 11.95
CA THR B 195 -16.70 -2.63 12.13
C THR B 195 -15.67 -3.69 12.49
N ARG B 196 -16.15 -4.90 12.87
CA ARG B 196 -15.31 -6.00 13.35
C ARG B 196 -14.36 -6.49 12.23
N VAL B 197 -13.11 -6.81 12.58
CA VAL B 197 -12.24 -7.59 11.70
C VAL B 197 -12.68 -9.06 11.75
N ARG B 198 -12.86 -9.68 10.57
CA ARG B 198 -13.38 -11.04 10.54
C ARG B 198 -12.30 -12.02 10.08
N ARG B 199 -11.31 -11.53 9.33
CA ARG B 199 -10.29 -12.36 8.71
C ARG B 199 -9.03 -11.54 8.49
N VAL B 200 -7.89 -12.22 8.59
CA VAL B 200 -6.59 -11.61 8.51
C VAL B 200 -5.69 -12.56 7.70
N ARG B 201 -4.86 -12.00 6.78
CA ARG B 201 -3.84 -12.75 6.07
C ARG B 201 -2.58 -11.88 5.92
N ALA B 202 -1.48 -12.39 6.46
CA ALA B 202 -0.30 -11.58 6.68
C ALA B 202 0.95 -12.34 6.17
N ILE B 203 1.90 -11.56 5.63
CA ILE B 203 3.24 -12.01 5.31
C ILE B 203 4.18 -11.09 6.08
N THR B 204 5.13 -11.68 6.80
CA THR B 204 6.19 -10.87 7.37
C THR B 204 7.49 -11.10 6.61
N GLY B 205 8.34 -10.08 6.71
CA GLY B 205 9.67 -10.13 6.15
C GLY B 205 10.68 -9.99 7.29
N ASP B 206 11.79 -10.72 7.16
CA ASP B 206 12.80 -10.74 8.19
C ASP B 206 14.13 -11.02 7.51
N TRP B 207 14.88 -9.97 7.22
CA TRP B 207 15.95 -10.17 6.27
C TRP B 207 17.23 -9.50 6.78
N ASP B 208 17.23 -9.20 8.07
CA ASP B 208 18.44 -8.68 8.66
C ASP B 208 18.91 -9.63 9.77
N PRO B 209 19.98 -10.41 9.50
CA PRO B 209 20.56 -11.30 10.53
C PRO B 209 20.84 -10.62 11.87
N MET B 210 21.44 -9.41 11.84
CA MET B 210 21.74 -8.61 13.03
C MET B 210 20.47 -8.33 13.82
N ARG B 211 19.32 -8.39 13.15
CA ARG B 211 18.08 -8.05 13.82
C ARG B 211 17.08 -9.16 13.61
N PRO B 212 17.33 -10.41 14.11
CA PRO B 212 16.48 -11.56 13.76
C PRO B 212 15.09 -11.45 14.37
N THR B 213 14.37 -10.41 13.93
CA THR B 213 12.96 -10.21 14.22
C THR B 213 12.27 -9.75 12.93
N GLN B 214 10.94 -9.84 12.87
CA GLN B 214 10.21 -9.36 11.70
C GLN B 214 10.32 -7.84 11.64
N GLY B 215 10.77 -7.29 10.52
CA GLY B 215 10.94 -5.86 10.39
C GLY B 215 9.90 -5.28 9.41
N ALA B 216 9.10 -6.15 8.80
CA ALA B 216 8.25 -5.70 7.72
C ALA B 216 7.07 -6.65 7.60
N TYR B 217 5.95 -6.11 7.14
CA TYR B 217 4.83 -6.99 6.86
C TYR B 217 3.89 -6.32 5.86
N SER B 218 3.04 -7.17 5.26
CA SER B 218 1.89 -6.76 4.49
C SER B 218 0.75 -7.68 4.88
N ALA B 219 -0.43 -7.10 5.13
CA ALA B 219 -1.56 -7.89 5.56
C ALA B 219 -2.84 -7.41 4.89
N LEU B 220 -3.72 -8.39 4.63
CA LEU B 220 -5.10 -8.12 4.23
C LEU B 220 -6.01 -8.32 5.44
N LEU B 221 -6.96 -7.38 5.61
CA LEU B 221 -8.00 -7.50 6.61
C LEU B 221 -9.36 -7.42 5.91
N TRP B 222 -10.24 -8.38 6.22
CA TRP B 222 -11.64 -8.37 5.82
C TRP B 222 -12.47 -7.88 7.00
N PHE B 223 -13.39 -6.93 6.78
CA PHE B 223 -14.20 -6.40 7.87
C PHE B 223 -15.67 -6.79 7.68
N GLU B 224 -16.38 -6.88 8.81
CA GLU B 224 -17.81 -7.10 8.78
C GLU B 224 -18.42 -5.99 7.94
N GLY B 225 -19.22 -6.36 6.92
CA GLY B 225 -19.89 -5.39 6.07
C GLY B 225 -19.24 -5.31 4.70
N GLY B 226 -18.06 -5.94 4.55
CA GLY B 226 -17.43 -6.12 3.24
C GLY B 226 -16.35 -5.09 2.90
N ALA B 227 -16.02 -4.18 3.83
CA ALA B 227 -14.87 -3.32 3.61
C ALA B 227 -13.63 -4.19 3.79
N PHE B 228 -12.57 -3.82 3.08
CA PHE B 228 -11.32 -4.52 3.25
C PHE B 228 -10.23 -3.48 3.47
N ALA B 229 -9.16 -3.90 4.16
CA ALA B 229 -8.01 -3.06 4.32
C ALA B 229 -6.78 -3.79 3.86
N SER B 230 -5.80 -3.04 3.36
CA SER B 230 -4.43 -3.53 3.33
C SER B 230 -3.47 -2.62 4.10
N ILE B 231 -2.61 -3.27 4.89
CA ILE B 231 -1.65 -2.56 5.71
C ILE B 231 -0.24 -3.11 5.46
N SER B 232 0.68 -2.18 5.28
CA SER B 232 2.07 -2.48 5.08
C SER B 232 2.93 -1.64 6.03
N TYR B 233 3.96 -2.32 6.49
CA TYR B 233 4.93 -1.75 7.41
C TYR B 233 6.31 -2.22 7.00
N ASN B 234 7.26 -1.30 7.06
CA ASN B 234 8.66 -1.66 6.87
C ASN B 234 9.50 -0.79 7.81
N GLY B 235 10.18 -1.47 8.74
CA GLY B 235 10.92 -0.84 9.83
C GLY B 235 12.41 -0.64 9.54
N TYR B 236 12.84 -0.89 8.31
CA TYR B 236 14.26 -1.11 8.05
C TYR B 236 14.95 0.19 7.71
N GLY B 237 14.23 1.31 7.80
CA GLY B 237 14.81 2.64 7.86
C GLY B 237 15.43 3.14 6.56
N HIS B 238 14.92 2.75 5.39
CA HIS B 238 15.45 3.30 4.15
C HIS B 238 14.47 4.35 3.64
N PHE B 239 13.41 3.94 2.92
CA PHE B 239 12.47 4.97 2.49
C PHE B 239 11.71 5.47 3.74
N ASP B 240 11.35 6.76 3.72
CA ASP B 240 10.68 7.40 4.84
C ASP B 240 9.33 7.99 4.39
N SER B 241 8.24 7.32 4.77
CA SER B 241 6.94 7.61 4.18
C SER B 241 6.33 8.89 4.78
N ASP B 242 7.03 9.52 5.72
CA ASP B 242 6.67 10.86 6.16
C ASP B 242 6.78 11.83 4.99
N GLU B 243 7.51 11.46 3.94
CA GLU B 243 7.53 12.28 2.75
C GLU B 243 6.12 12.47 2.22
N TRP B 244 5.23 11.48 2.50
CA TRP B 244 3.88 11.48 1.96
C TRP B 244 2.90 12.00 3.00
N CYS B 245 3.39 12.44 4.16
CA CYS B 245 2.52 13.02 5.16
C CYS B 245 2.92 14.47 5.40
N ASP B 246 3.21 15.19 4.31
CA ASP B 246 3.59 16.60 4.34
C ASP B 246 4.83 16.80 5.18
N TRP B 247 5.73 15.81 5.16
CA TRP B 247 7.05 15.89 5.77
C TRP B 247 6.93 16.21 7.26
N ILE B 248 5.89 15.67 7.91
CA ILE B 248 5.81 15.79 9.36
C ILE B 248 6.03 14.41 9.94
N GLY B 249 6.86 14.36 10.99
CA GLY B 249 7.21 13.10 11.64
C GLY B 249 6.11 12.60 12.59
N GLU B 250 6.34 11.38 13.11
CA GLU B 250 5.38 10.63 13.89
C GLU B 250 4.87 11.46 15.06
N MET B 251 5.75 12.29 15.62
CA MET B 251 5.46 12.94 16.88
C MET B 251 5.09 14.40 16.60
N GLY B 252 4.85 14.76 15.35
CA GLY B 252 4.30 16.06 15.05
C GLY B 252 5.37 17.05 14.54
N GLY B 253 6.64 16.61 14.52
CA GLY B 253 7.74 17.49 14.19
C GLY B 253 7.90 17.67 12.70
N ASP B 254 8.52 18.79 12.33
CA ASP B 254 8.76 19.17 10.95
C ASP B 254 10.02 18.44 10.47
N LYS B 255 9.99 17.93 9.23
CA LYS B 255 11.17 17.30 8.64
C LYS B 255 11.41 17.86 7.25
N SER B 256 12.54 18.55 7.03
CA SER B 256 12.94 19.13 5.74
C SER B 256 14.06 20.17 5.94
N PRO B 299 5.21 24.61 19.05
CA PRO B 299 4.57 24.73 17.73
C PRO B 299 4.72 23.45 16.92
N ILE B 300 3.86 22.49 17.24
CA ILE B 300 3.88 21.17 16.64
C ILE B 300 2.63 20.98 15.78
N TRP B 301 2.61 19.89 15.01
CA TRP B 301 1.37 19.44 14.37
C TRP B 301 0.90 18.16 15.05
N HIS B 302 -0.19 17.55 14.55
CA HIS B 302 -0.70 16.37 15.22
C HIS B 302 0.20 15.16 14.98
N GLN B 303 0.04 14.14 15.82
CA GLN B 303 0.77 12.90 15.66
C GLN B 303 0.12 12.10 14.54
N HIS B 304 0.90 11.22 13.91
CA HIS B 304 0.34 10.30 12.94
C HIS B 304 1.13 8.99 12.90
N PHE B 305 0.67 8.08 12.03
CA PHE B 305 1.29 6.77 11.87
C PHE B 305 1.31 6.37 10.40
N GLY B 306 1.76 7.30 9.55
CA GLY B 306 2.14 7.00 8.16
C GLY B 306 0.97 7.24 7.20
N PRO B 307 1.21 7.25 5.86
CA PRO B 307 0.14 7.50 4.89
C PRO B 307 -1.05 6.54 4.98
N ILE B 308 -2.26 7.10 5.08
CA ILE B 308 -3.47 6.29 5.11
C ILE B 308 -4.50 6.94 4.19
N VAL B 309 -5.10 6.12 3.30
CA VAL B 309 -6.22 6.51 2.45
C VAL B 309 -7.47 5.66 2.74
N VAL B 310 -8.52 6.33 3.22
CA VAL B 310 -9.82 5.72 3.46
C VAL B 310 -10.72 5.96 2.25
N SER B 311 -11.11 4.86 1.59
CA SER B 311 -12.05 4.94 0.48
C SER B 311 -13.46 4.64 0.97
N CYS B 312 -14.28 5.70 1.05
CA CYS B 312 -15.71 5.53 1.25
C CYS B 312 -16.44 5.35 -0.08
N GLU B 313 -17.71 4.92 0.00
CA GLU B 313 -18.51 4.66 -1.20
C GLU B 313 -18.48 5.86 -2.12
N ARG B 314 -18.41 7.09 -1.59
CA ARG B 314 -18.55 8.22 -2.47
C ARG B 314 -17.32 9.11 -2.40
N GLY B 315 -16.21 8.65 -1.83
CA GLY B 315 -15.07 9.54 -1.71
C GLY B 315 -13.99 8.98 -0.78
N ASP B 316 -12.83 9.63 -0.80
CA ASP B 316 -11.63 9.22 -0.09
C ASP B 316 -11.28 10.24 0.97
N ILE B 317 -10.87 9.73 2.14
CA ILE B 317 -10.36 10.58 3.21
C ILE B 317 -8.87 10.29 3.43
N ARG B 318 -8.08 11.36 3.43
CA ARG B 318 -6.66 11.31 3.69
C ARG B 318 -6.34 12.14 4.92
N PRO B 319 -6.36 11.55 6.15
CA PRO B 319 -5.99 12.29 7.36
C PRO B 319 -4.50 12.63 7.40
N LEU B 320 -4.18 13.89 7.62
CA LEU B 320 -2.78 14.32 7.68
C LEU B 320 -2.51 14.98 9.03
N PRO B 321 -1.24 15.14 9.43
CA PRO B 321 -0.92 15.73 10.73
C PRO B 321 -1.37 17.18 10.84
N ASP B 322 -1.64 17.82 9.69
CA ASP B 322 -1.98 19.23 9.68
C ASP B 322 -3.30 19.51 8.98
N SER B 323 -4.06 18.47 8.59
CA SER B 323 -5.32 18.67 7.89
C SER B 323 -5.99 17.33 7.62
N VAL B 324 -7.24 17.38 7.16
CA VAL B 324 -7.89 16.19 6.62
C VAL B 324 -8.37 16.50 5.20
N CYS B 325 -7.84 15.72 4.24
CA CYS B 325 -8.07 15.90 2.82
C CYS B 325 -9.19 14.99 2.39
N VAL B 326 -10.19 15.63 1.76
CA VAL B 326 -11.38 14.94 1.31
C VAL B 326 -11.45 15.07 -0.21
N TYR B 327 -11.58 13.91 -0.87
CA TYR B 327 -11.67 13.80 -2.31
C TYR B 327 -13.05 13.22 -2.59
N ALA B 328 -14.03 14.09 -2.86
CA ALA B 328 -15.37 13.65 -3.23
C ALA B 328 -15.65 14.04 -4.67
N ASP B 329 -16.67 13.43 -5.30
CA ASP B 329 -16.90 13.66 -6.73
C ASP B 329 -17.16 15.14 -7.03
N LEU B 330 -17.78 15.86 -6.07
CA LEU B 330 -18.00 17.30 -6.21
C LEU B 330 -16.72 18.11 -6.02
N ALA B 331 -16.17 18.17 -4.78
CA ALA B 331 -15.02 19.00 -4.46
C ALA B 331 -13.82 18.16 -3.98
N LYS B 332 -12.61 18.74 -4.09
CA LYS B 332 -11.40 18.26 -3.45
C LYS B 332 -11.03 19.25 -2.36
N GLU B 333 -10.96 18.81 -1.10
CA GLU B 333 -10.95 19.73 0.04
C GLU B 333 -9.78 19.43 0.98
N ARG B 334 -8.96 20.44 1.27
CA ARG B 334 -8.06 20.34 2.42
C ARG B 334 -8.75 20.97 3.63
N ARG B 335 -9.32 20.14 4.52
CA ARG B 335 -9.99 20.66 5.71
C ARG B 335 -8.99 20.84 6.84
N SER B 336 -8.89 22.09 7.29
CA SER B 336 -7.90 22.48 8.28
C SER B 336 -8.16 21.83 9.64
N LEU B 337 -7.07 21.62 10.38
CA LEU B 337 -7.15 21.21 11.76
C LEU B 337 -6.56 22.34 12.60
N GLN B 338 -6.99 22.41 13.88
CA GLN B 338 -6.27 23.22 14.86
C GLN B 338 -4.97 22.53 15.28
N ARG B 339 -3.91 23.33 15.42
CA ARG B 339 -2.64 22.86 15.97
C ARG B 339 -2.87 22.48 17.43
N PRO B 340 -2.44 21.29 17.88
CA PRO B 340 -2.62 20.90 19.28
C PRO B 340 -1.81 21.81 20.21
N VAL B 341 -2.38 22.17 21.38
CA VAL B 341 -1.57 22.96 22.29
C VAL B 341 -0.78 22.01 23.18
N VAL B 342 -1.46 20.95 23.61
CA VAL B 342 -0.82 19.88 24.36
C VAL B 342 -0.73 18.65 23.47
N PRO B 343 0.46 18.05 23.30
CA PRO B 343 0.60 16.83 22.49
C PRO B 343 -0.23 15.70 23.13
N ARG B 344 -0.98 14.96 22.31
CA ARG B 344 -1.65 13.74 22.75
C ARG B 344 -2.71 14.05 23.80
N PHE B 345 -3.22 15.28 23.77
CA PHE B 345 -4.32 15.70 24.64
C PHE B 345 -5.54 14.79 24.49
N GLU B 346 -5.69 14.13 23.33
CA GLU B 346 -6.87 13.28 23.13
C GLU B 346 -6.86 12.11 24.12
N VAL B 347 -5.65 11.70 24.51
CA VAL B 347 -5.49 10.63 25.51
C VAL B 347 -6.07 11.11 26.82
N ILE B 348 -5.72 12.35 27.22
CA ILE B 348 -6.16 12.91 28.48
C ILE B 348 -7.67 13.18 28.43
N ASP B 349 -8.20 13.55 27.25
CA ASP B 349 -9.64 13.70 27.08
C ASP B 349 -10.37 12.41 27.46
N GLU B 350 -9.91 11.26 26.96
CA GLU B 350 -10.63 10.05 27.28
C GLU B 350 -10.55 9.79 28.78
N LEU B 351 -9.35 10.01 29.35
CA LEU B 351 -9.15 9.63 30.73
C LEU B 351 -10.00 10.55 31.62
N TYR B 352 -9.91 11.87 31.32
CA TYR B 352 -10.51 12.91 32.13
C TYR B 352 -12.03 12.77 32.12
N HIS B 353 -12.58 12.61 30.93
CA HIS B 353 -14.01 12.40 30.71
C HIS B 353 -14.47 11.06 31.30
N ALA B 354 -13.65 10.00 31.30
CA ALA B 354 -14.07 8.76 31.92
C ALA B 354 -14.16 8.92 33.45
N VAL B 355 -13.17 9.59 34.06
CA VAL B 355 -13.06 9.58 35.51
C VAL B 355 -13.97 10.65 36.10
N VAL B 356 -14.00 11.84 35.48
CA VAL B 356 -14.68 13.01 36.01
C VAL B 356 -16.15 13.03 35.58
N ASN B 357 -16.43 12.62 34.33
CA ASN B 357 -17.75 12.73 33.72
C ASN B 357 -18.41 11.36 33.46
N GLU B 358 -17.69 10.26 33.71
CA GLU B 358 -18.18 8.89 33.50
C GLU B 358 -18.50 8.57 32.05
N ILE B 359 -17.93 9.30 31.08
CA ILE B 359 -18.22 9.02 29.68
C ILE B 359 -17.42 7.78 29.27
N LYS B 360 -18.11 6.72 28.82
CA LYS B 360 -17.41 5.52 28.36
C LYS B 360 -16.39 5.94 27.31
N PRO B 361 -15.10 5.57 27.51
CA PRO B 361 -14.03 5.93 26.57
C PRO B 361 -13.92 4.95 25.40
N LEU B 362 -13.57 5.45 24.23
CA LEU B 362 -13.51 4.61 23.06
C LEU B 362 -12.40 3.58 23.25
N HIS B 363 -11.22 4.05 23.66
CA HIS B 363 -10.07 3.17 23.77
C HIS B 363 -10.09 2.41 25.10
N ASP B 364 -11.11 1.58 25.30
CA ASP B 364 -11.16 0.84 26.55
C ASP B 364 -10.35 -0.45 26.43
N GLY B 365 -10.38 -1.22 27.51
CA GLY B 365 -9.81 -2.55 27.56
C GLY B 365 -10.33 -3.51 26.48
N VAL B 366 -11.66 -3.50 26.25
CA VAL B 366 -12.32 -4.31 25.24
C VAL B 366 -11.78 -3.98 23.86
N TRP B 367 -11.66 -2.68 23.58
CA TRP B 367 -11.19 -2.15 22.31
C TRP B 367 -9.73 -2.59 22.07
N ALA B 368 -8.89 -2.34 23.07
CA ALA B 368 -7.48 -2.66 22.97
C ALA B 368 -7.29 -4.18 22.79
N ARG B 369 -8.05 -4.98 23.53
CA ARG B 369 -7.97 -6.43 23.42
C ARG B 369 -8.29 -6.87 21.97
N ALA B 370 -9.30 -6.25 21.36
CA ALA B 370 -9.64 -6.48 19.97
C ALA B 370 -8.48 -6.24 19.01
N THR B 371 -7.68 -5.16 19.20
CA THR B 371 -6.49 -4.90 18.41
C THR B 371 -5.40 -5.94 18.70
N LEU B 372 -5.24 -6.30 19.97
CA LEU B 372 -4.29 -7.36 20.30
C LEU B 372 -4.67 -8.61 19.51
N GLU B 373 -5.97 -8.95 19.50
CA GLU B 373 -6.40 -10.19 18.89
C GLU B 373 -6.04 -10.15 17.41
N VAL B 374 -6.14 -8.96 16.78
CA VAL B 374 -5.78 -8.87 15.38
C VAL B 374 -4.29 -9.07 15.21
N CYS B 375 -3.54 -8.48 16.13
CA CYS B 375 -2.09 -8.57 16.09
C CYS B 375 -1.65 -10.03 16.26
N LEU B 376 -2.26 -10.76 17.20
CA LEU B 376 -1.90 -12.16 17.36
C LEU B 376 -2.20 -12.89 16.06
N ALA B 377 -3.32 -12.53 15.43
CA ALA B 377 -3.78 -13.17 14.21
C ALA B 377 -2.82 -12.92 13.05
N LEU B 378 -2.27 -11.68 12.95
CA LEU B 378 -1.25 -11.38 11.95
C LEU B 378 -0.05 -12.34 12.07
N LEU B 379 0.53 -12.39 13.28
CA LEU B 379 1.66 -13.25 13.59
C LEU B 379 1.35 -14.72 13.30
N ASP B 380 0.17 -15.20 13.68
CA ASP B 380 -0.21 -16.58 13.39
C ASP B 380 -0.31 -16.79 11.89
N SER B 381 -0.95 -15.84 11.18
CA SER B 381 -1.05 -15.90 9.73
C SER B 381 0.32 -15.98 9.03
N ALA B 382 1.23 -15.04 9.32
CA ALA B 382 2.55 -15.03 8.70
C ALA B 382 3.31 -16.30 9.10
N GLY B 383 3.22 -16.70 10.37
CA GLY B 383 3.92 -17.85 10.88
C GLY B 383 3.45 -19.14 10.21
N SER B 384 2.15 -19.27 9.97
CA SER B 384 1.57 -20.52 9.51
C SER B 384 1.30 -20.54 7.99
N GLY B 385 1.27 -19.35 7.35
CA GLY B 385 0.97 -19.24 5.93
C GLY B 385 -0.50 -19.51 5.59
N LYS B 386 -1.41 -19.25 6.53
CA LYS B 386 -2.82 -19.28 6.19
C LYS B 386 -3.61 -18.19 6.91
N ASP B 387 -4.86 -18.02 6.45
CA ASP B 387 -5.83 -17.13 7.03
C ASP B 387 -5.99 -17.45 8.51
N VAL B 388 -6.28 -16.40 9.29
CA VAL B 388 -6.84 -16.57 10.61
C VAL B 388 -8.25 -15.96 10.58
N GLU B 389 -9.23 -16.72 11.07
CA GLU B 389 -10.58 -16.22 11.17
C GLU B 389 -10.79 -15.69 12.59
N LEU B 390 -11.41 -14.51 12.68
CA LEU B 390 -11.58 -13.90 14.00
C LEU B 390 -13.03 -14.07 14.43
N PRO B 391 -13.29 -14.79 15.55
CA PRO B 391 -14.64 -14.95 16.09
C PRO B 391 -15.35 -13.61 16.31
#